data_4ZZP
#
_entry.id   4ZZP
#
_cell.length_a   55.643
_cell.length_b   85.185
_cell.length_c   168.503
_cell.angle_alpha   90.00
_cell.angle_beta   90.00
_cell.angle_gamma   90.00
#
_symmetry.space_group_name_H-M   'P 21 21 21'
#
loop_
_entity.id
_entity.type
_entity.pdbx_description
1 polymer 'CELLULOSE 1,4-BETA-CELLOBIOSIDASE'
2 non-polymer 2-acetamido-2-deoxy-beta-D-glucopyranose
3 water water
#
_entity_poly.entity_id   1
_entity_poly.type   'polypeptide(L)'
_entity_poly.pdbx_seq_one_letter_code
;(PCA)KVGKFSPEVHPPITWQECADDGSCKTMNGEIVIDANWRWVHSEQGTNCYTGNTWNPTLCPDDKTCAENCYLDGAN
YESVYGITTEDDSVRLNFITQSQGKNIGSRTFLMANSTNYQMFYVLGQEFSFDVDVSNLDCGLNGALYLVSMDSDGGIAR
FPSNEAGAQYGTGYCDAQCPRDLKFISGSANVEGWIPSSNNPNTGYGNHGSCCAEMDLWEANNMATALTPHPCDTSSQTV
CESDSCGGATSSNRYGGLCDPDGCDYNPYRMGNTTFFGPGQTVDTKSVMTVVTQFITNDGTTTGTLKSIKRLYVQNGQVI
SQSESTVPGVAGNEITEDFCHNQKQVFGDKDSFTKHGGLAAMGDALKNGMVLVLSLWDDYLADMLWLDSNYPTTSPVTEP
GVARGPCSTSSGTPTDVESKYPNAYVVYSNIKVGPINSTFKNN
;
_entity_poly.pdbx_strand_id   A,B
#
loop_
_chem_comp.id
_chem_comp.type
_chem_comp.name
_chem_comp.formula
NAG D-saccharide, beta linking 2-acetamido-2-deoxy-beta-D-glucopyranose 'C8 H15 N O6'
#
# COMPACT_ATOMS: atom_id res chain seq x y z
N PCA A 1 5.77 -6.97 -18.81
CA PCA A 1 6.48 -6.78 -17.55
CB PCA A 1 6.17 -5.32 -17.16
CG PCA A 1 5.11 -4.83 -18.15
CD PCA A 1 5.00 -5.95 -19.16
OE PCA A 1 4.28 -5.88 -20.13
C PCA A 1 6.04 -7.70 -16.44
O PCA A 1 4.86 -8.02 -16.33
N LYS A 2 6.99 -8.14 -15.63
CA LYS A 2 6.71 -8.94 -14.45
C LYS A 2 6.68 -8.05 -13.21
N VAL A 3 6.22 -8.59 -12.09
CA VAL A 3 6.01 -7.81 -10.87
C VAL A 3 7.04 -8.12 -9.79
N GLY A 4 7.73 -7.08 -9.33
CA GLY A 4 8.68 -7.18 -8.23
C GLY A 4 7.98 -7.21 -6.89
N LYS A 5 8.74 -7.36 -5.80
CA LYS A 5 8.17 -7.47 -4.46
C LYS A 5 8.81 -6.56 -3.41
N PHE A 6 9.72 -5.69 -3.81
CA PHE A 6 10.47 -4.86 -2.86
C PHE A 6 9.57 -3.83 -2.16
N SER A 7 8.62 -3.28 -2.90
CA SER A 7 7.62 -2.37 -2.34
C SER A 7 6.25 -2.72 -2.87
N PRO A 8 5.21 -2.54 -2.05
CA PRO A 8 3.85 -2.75 -2.56
C PRO A 8 3.36 -1.51 -3.30
N GLU A 9 2.40 -1.71 -4.20
CA GLU A 9 1.87 -0.63 -5.03
C GLU A 9 0.56 -0.10 -4.43
N VAL A 10 0.61 1.10 -3.86
CA VAL A 10 -0.57 1.72 -3.23
C VAL A 10 -0.96 3.01 -3.94
N HIS A 11 -2.12 2.97 -4.62
CA HIS A 11 -2.62 4.13 -5.36
C HIS A 11 -3.22 5.14 -4.40
N PRO A 12 -2.70 6.38 -4.40
CA PRO A 12 -3.36 7.38 -3.56
C PRO A 12 -4.75 7.72 -4.12
N PRO A 13 -5.80 7.58 -3.29
CA PRO A 13 -7.18 7.63 -3.75
C PRO A 13 -7.69 9.04 -4.03
N ILE A 14 -8.62 9.15 -4.97
CA ILE A 14 -9.20 10.44 -5.34
C ILE A 14 -10.70 10.30 -5.69
N THR A 15 -11.48 11.29 -5.24
CA THR A 15 -12.88 11.34 -5.59
C THR A 15 -13.10 12.24 -6.79
N TRP A 16 -14.17 11.96 -7.52
CA TRP A 16 -14.63 12.79 -8.62
C TRP A 16 -16.14 12.60 -8.69
N GLN A 17 -16.82 13.32 -9.59
CA GLN A 17 -18.28 13.31 -9.61
C GLN A 17 -18.93 13.08 -10.97
N GLU A 18 -20.12 12.50 -10.94
CA GLU A 18 -20.93 12.28 -12.14
C GLU A 18 -22.21 13.08 -11.97
N CYS A 19 -22.46 14.00 -12.90
CA CYS A 19 -23.56 14.93 -12.79
C CYS A 19 -24.77 14.52 -13.61
N ALA A 20 -25.90 15.17 -13.31
CA ALA A 20 -27.12 15.04 -14.10
C ALA A 20 -27.67 16.43 -14.41
N ASP A 21 -28.59 16.50 -15.37
CA ASP A 21 -29.15 17.77 -15.85
C ASP A 21 -29.46 18.74 -14.72
N ASP A 22 -30.12 18.24 -13.69
CA ASP A 22 -30.36 18.96 -12.43
C ASP A 22 -29.28 19.98 -12.07
N GLY A 23 -28.03 19.54 -12.16
CA GLY A 23 -26.89 20.21 -11.53
C GLY A 23 -26.37 19.36 -10.38
N SER A 24 -27.15 18.34 -10.02
CA SER A 24 -26.80 17.42 -8.94
C SER A 24 -25.70 16.51 -9.42
N CYS A 25 -24.78 16.22 -8.51
CA CYS A 25 -23.59 15.46 -8.85
C CYS A 25 -23.30 14.44 -7.75
N LYS A 26 -23.04 13.19 -8.14
CA LYS A 26 -22.82 12.08 -7.21
C LYS A 26 -21.35 11.75 -7.15
N THR A 27 -20.85 11.43 -5.95
CA THR A 27 -19.42 11.22 -5.74
C THR A 27 -18.99 9.80 -6.09
N MET A 28 -17.97 9.70 -6.94
CA MET A 28 -17.43 8.43 -7.39
C MET A 28 -16.01 8.27 -6.85
N ASN A 29 -15.70 7.10 -6.29
CA ASN A 29 -14.37 6.85 -5.74
C ASN A 29 -13.44 6.34 -6.80
N GLY A 30 -12.19 6.79 -6.74
CA GLY A 30 -11.16 6.37 -7.69
C GLY A 30 -9.79 6.44 -7.05
N GLU A 31 -8.76 6.11 -7.84
CA GLU A 31 -7.40 6.14 -7.34
C GLU A 31 -6.41 6.35 -8.47
N ILE A 32 -5.20 6.74 -8.11
CA ILE A 32 -4.25 7.24 -9.07
C ILE A 32 -3.01 6.36 -9.12
N VAL A 33 -2.57 6.08 -10.34
CA VAL A 33 -1.42 5.23 -10.59
C VAL A 33 -0.41 6.02 -11.39
N ILE A 34 0.88 5.81 -11.08
CA ILE A 34 1.98 6.39 -11.82
C ILE A 34 2.31 5.53 -13.04
N ASP A 35 2.67 6.19 -14.15
CA ASP A 35 3.06 5.51 -15.38
C ASP A 35 4.25 4.59 -15.12
N ALA A 36 4.23 3.42 -15.75
CA ALA A 36 5.27 2.41 -15.57
C ALA A 36 6.68 2.94 -15.86
N ASN A 37 6.78 3.90 -16.77
CA ASN A 37 8.06 4.49 -17.15
C ASN A 37 8.81 5.23 -16.04
N TRP A 38 8.11 5.63 -14.98
CA TRP A 38 8.76 6.25 -13.81
C TRP A 38 9.20 5.23 -12.77
N ARG A 39 8.88 3.96 -12.98
CA ARG A 39 9.15 2.91 -11.99
C ARG A 39 10.57 2.38 -12.06
N TRP A 40 11.03 1.87 -10.93
CA TRP A 40 12.29 1.15 -10.82
C TRP A 40 12.11 -0.20 -11.51
N VAL A 41 12.98 -0.48 -12.49
CA VAL A 41 12.97 -1.74 -13.22
C VAL A 41 14.22 -2.54 -12.82
N HIS A 42 14.00 -3.69 -12.17
CA HIS A 42 15.08 -4.42 -11.50
C HIS A 42 14.93 -5.92 -11.68
N SER A 43 16.04 -6.65 -11.48
CA SER A 43 16.04 -8.12 -11.56
C SER A 43 15.54 -8.72 -10.25
N GLU A 44 15.38 -10.04 -10.24
CA GLU A 44 14.84 -10.77 -9.08
C GLU A 44 15.25 -10.09 -7.76
N GLN A 45 16.56 -9.93 -7.55
CA GLN A 45 17.07 -9.05 -6.48
C GLN A 45 18.01 -8.02 -7.10
N GLY A 46 17.42 -7.00 -7.70
CA GLY A 46 18.15 -6.03 -8.52
C GLY A 46 18.95 -5.04 -7.70
N THR A 47 20.09 -4.53 -8.21
CA THR A 47 20.54 -4.57 -9.62
C THR A 47 19.51 -3.99 -10.62
N ASN A 48 19.78 -2.78 -11.07
CA ASN A 48 18.91 -2.10 -12.03
C ASN A 48 18.96 -2.78 -13.40
N CYS A 49 17.82 -2.83 -14.07
CA CYS A 49 17.77 -3.20 -15.48
C CYS A 49 17.91 -1.95 -16.35
N TYR A 50 17.68 -0.78 -15.76
CA TYR A 50 17.71 0.48 -16.48
C TYR A 50 18.14 1.61 -15.55
N THR A 51 19.23 2.29 -15.91
CA THR A 51 19.73 3.44 -15.17
C THR A 51 19.94 4.62 -16.12
N GLY A 52 19.61 5.82 -15.65
CA GLY A 52 19.72 7.04 -16.45
C GLY A 52 18.92 6.95 -17.73
N ASN A 53 19.61 6.68 -18.83
CA ASN A 53 18.98 6.52 -20.14
C ASN A 53 19.55 5.34 -20.90
N THR A 54 20.05 4.36 -20.15
CA THR A 54 20.76 3.22 -20.73
C THR A 54 20.35 1.93 -20.01
N TRP A 55 19.96 0.94 -20.80
CA TRP A 55 19.58 -0.37 -20.29
C TRP A 55 20.80 -1.15 -19.85
N ASN A 56 20.56 -2.15 -19.01
CA ASN A 56 21.58 -3.08 -18.59
C ASN A 56 21.81 -4.08 -19.73
N PRO A 57 23.03 -4.10 -20.29
CA PRO A 57 23.29 -4.96 -21.46
C PRO A 57 23.32 -6.45 -21.13
N THR A 58 23.70 -6.80 -19.91
CA THR A 58 23.74 -8.20 -19.48
C THR A 58 22.33 -8.72 -19.15
N LEU A 59 21.55 -7.91 -18.41
CA LEU A 59 20.18 -8.28 -18.05
C LEU A 59 19.21 -8.19 -19.24
N CYS A 60 19.39 -7.18 -20.09
CA CYS A 60 18.46 -6.92 -21.19
C CYS A 60 19.17 -6.88 -22.55
N PRO A 61 19.64 -8.05 -23.03
CA PRO A 61 20.21 -8.12 -24.39
C PRO A 61 19.14 -7.99 -25.47
N ASP A 62 17.98 -8.60 -25.21
CA ASP A 62 16.84 -8.57 -26.12
C ASP A 62 15.58 -8.21 -25.34
N ASP A 63 14.49 -7.98 -26.07
CA ASP A 63 13.20 -7.69 -25.44
C ASP A 63 12.68 -8.89 -24.68
N LYS A 64 12.81 -10.07 -25.30
CA LYS A 64 12.35 -11.32 -24.70
C LYS A 64 13.14 -11.62 -23.43
N THR A 65 14.47 -11.47 -23.53
CA THR A 65 15.36 -11.73 -22.40
C THR A 65 15.11 -10.77 -21.24
N CYS A 66 14.94 -9.48 -21.58
CA CYS A 66 14.71 -8.42 -20.59
C CYS A 66 13.37 -8.62 -19.89
N ALA A 67 12.36 -9.08 -20.65
CA ALA A 67 11.06 -9.39 -20.09
C ALA A 67 11.12 -10.52 -19.06
N GLU A 68 11.95 -11.54 -19.33
CA GLU A 68 12.21 -12.61 -18.36
C GLU A 68 12.93 -12.06 -17.12
N ASN A 69 13.93 -11.23 -17.35
CA ASN A 69 14.87 -10.83 -16.30
C ASN A 69 14.39 -9.72 -15.37
N CYS A 70 13.45 -8.88 -15.83
CA CYS A 70 13.18 -7.63 -15.13
C CYS A 70 11.75 -7.45 -14.65
N TYR A 71 11.62 -6.65 -13.60
CA TYR A 71 10.41 -6.55 -12.81
C TYR A 71 10.07 -5.09 -12.53
N LEU A 72 8.79 -4.75 -12.66
CA LEU A 72 8.27 -3.45 -12.19
C LEU A 72 7.95 -3.54 -10.71
N ASP A 73 7.90 -2.40 -10.04
CA ASP A 73 7.73 -2.39 -8.59
C ASP A 73 6.89 -1.22 -8.10
N GLY A 74 6.45 -1.31 -6.85
CA GLY A 74 5.60 -0.30 -6.23
C GLY A 74 6.32 1.01 -6.02
N ALA A 75 5.54 2.09 -6.00
CA ALA A 75 6.08 3.45 -6.00
C ALA A 75 5.68 4.21 -4.75
N ASN A 76 6.66 4.86 -4.10
CA ASN A 76 6.39 5.78 -3.01
C ASN A 76 5.98 7.14 -3.54
N TYR A 77 4.67 7.33 -3.67
CA TYR A 77 4.11 8.48 -4.37
C TYR A 77 4.56 9.84 -3.81
N GLU A 78 4.67 9.96 -2.50
CA GLU A 78 5.01 11.25 -1.90
C GLU A 78 6.52 11.46 -1.77
N SER A 79 7.18 10.52 -1.10
CA SER A 79 8.59 10.67 -0.75
C SER A 79 9.54 10.67 -1.95
N VAL A 80 9.12 10.05 -3.05
CA VAL A 80 9.96 9.92 -4.25
C VAL A 80 9.45 10.76 -5.43
N TYR A 81 8.15 10.70 -5.70
CA TYR A 81 7.59 11.35 -6.88
C TYR A 81 6.88 12.67 -6.61
N GLY A 82 6.72 13.04 -5.34
CA GLY A 82 6.07 14.29 -4.96
C GLY A 82 4.59 14.34 -5.30
N ILE A 83 3.92 13.20 -5.13
CA ILE A 83 2.52 13.03 -5.51
C ILE A 83 1.66 12.77 -4.28
N THR A 84 0.58 13.54 -4.14
CA THR A 84 -0.35 13.40 -3.01
C THR A 84 -1.80 13.56 -3.48
N THR A 85 -2.74 13.11 -2.65
CA THR A 85 -4.17 13.29 -2.88
C THR A 85 -4.90 13.80 -1.64
N GLU A 86 -5.93 14.60 -1.85
CA GLU A 86 -6.69 15.26 -0.79
C GLU A 86 -8.15 15.37 -1.19
N ASP A 87 -8.97 14.40 -0.78
CA ASP A 87 -10.38 14.32 -1.17
C ASP A 87 -10.49 14.31 -2.70
N ASP A 88 -10.82 15.47 -3.29
CA ASP A 88 -11.05 15.59 -4.74
C ASP A 88 -9.81 16.09 -5.48
N SER A 89 -8.75 16.39 -4.72
CA SER A 89 -7.59 17.10 -5.24
C SER A 89 -6.38 16.19 -5.43
N VAL A 90 -5.61 16.43 -6.48
CA VAL A 90 -4.36 15.75 -6.73
C VAL A 90 -3.28 16.79 -6.92
N ARG A 91 -2.11 16.55 -6.37
CA ARG A 91 -0.99 17.48 -6.48
C ARG A 91 0.25 16.77 -7.01
N LEU A 92 0.91 17.37 -7.99
CA LEU A 92 2.12 16.82 -8.58
C LEU A 92 3.25 17.84 -8.48
N ASN A 93 4.30 17.47 -7.76
CA ASN A 93 5.47 18.35 -7.58
C ASN A 93 6.50 18.12 -8.69
N PHE A 94 7.26 19.16 -9.00
CA PHE A 94 8.18 19.14 -10.12
C PHE A 94 9.48 18.41 -9.79
N ILE A 95 10.23 18.90 -8.81
CA ILE A 95 11.50 18.28 -8.42
C ILE A 95 11.37 17.65 -7.03
N THR A 96 11.61 16.35 -6.95
CA THR A 96 11.50 15.61 -5.68
C THR A 96 12.77 14.78 -5.45
N GLN A 97 13.40 14.97 -4.29
CA GLN A 97 14.66 14.31 -3.95
C GLN A 97 14.45 13.18 -2.95
N SER A 98 15.16 12.08 -3.16
CA SER A 98 15.19 10.96 -2.20
C SER A 98 16.55 10.26 -2.33
N GLN A 99 16.57 8.97 -2.67
CA GLN A 99 17.80 8.32 -3.11
C GLN A 99 18.21 8.90 -4.47
N GLY A 100 17.23 9.16 -5.32
CA GLY A 100 17.47 9.74 -6.65
C GLY A 100 16.77 11.08 -6.85
N LYS A 101 17.04 11.70 -8.00
CA LYS A 101 16.41 12.96 -8.39
C LYS A 101 15.28 12.69 -9.40
N ASN A 102 14.04 13.00 -9.00
CA ASN A 102 12.87 12.78 -9.85
C ASN A 102 12.38 14.09 -10.46
N ILE A 103 12.16 14.06 -11.78
CA ILE A 103 11.58 15.20 -12.48
C ILE A 103 10.15 14.85 -12.89
N GLY A 104 9.19 15.54 -12.31
CA GLY A 104 7.79 15.43 -12.73
C GLY A 104 7.21 14.04 -12.65
N SER A 105 6.09 13.83 -13.34
CA SER A 105 5.39 12.54 -13.33
C SER A 105 4.30 12.49 -14.39
N ARG A 106 3.88 11.28 -14.73
CA ARG A 106 2.66 11.06 -15.50
C ARG A 106 1.83 10.04 -14.74
N THR A 107 0.55 10.36 -14.54
CA THR A 107 -0.35 9.51 -13.77
C THR A 107 -1.69 9.30 -14.48
N PHE A 108 -2.43 8.28 -14.04
CA PHE A 108 -3.76 7.97 -14.60
C PHE A 108 -4.80 7.76 -13.51
N LEU A 109 -6.05 8.11 -13.83
CA LEU A 109 -7.16 7.93 -12.92
C LEU A 109 -7.75 6.54 -13.06
N MET A 110 -7.69 5.76 -11.98
CA MET A 110 -8.22 4.40 -11.95
C MET A 110 -9.57 4.32 -11.26
N ALA A 111 -10.42 3.42 -11.72
CA ALA A 111 -11.72 3.15 -11.10
C ALA A 111 -11.55 2.24 -9.88
N ASN A 112 -10.76 1.19 -10.05
CA ASN A 112 -10.36 0.29 -8.98
C ASN A 112 -8.88 -0.07 -9.10
N SER A 113 -8.40 -0.99 -8.26
CA SER A 113 -6.98 -1.32 -8.23
C SER A 113 -6.40 -1.90 -9.52
N THR A 114 -7.25 -2.42 -10.41
CA THR A 114 -6.76 -3.09 -11.62
C THR A 114 -7.19 -2.47 -12.94
N ASN A 115 -8.02 -1.42 -12.91
CA ASN A 115 -8.59 -0.88 -14.14
C ASN A 115 -8.67 0.65 -14.17
N TYR A 116 -8.36 1.22 -15.34
CA TYR A 116 -8.50 2.67 -15.55
C TYR A 116 -9.96 3.02 -15.71
N GLN A 117 -10.34 4.17 -15.15
CA GLN A 117 -11.68 4.72 -15.32
C GLN A 117 -11.82 5.22 -16.74
N MET A 118 -12.65 4.56 -17.54
CA MET A 118 -12.89 4.99 -18.91
C MET A 118 -13.92 6.11 -18.91
N PHE A 119 -13.73 7.11 -19.76
CA PHE A 119 -14.68 8.23 -19.87
C PHE A 119 -15.30 8.30 -21.26
N TYR A 120 -16.60 8.59 -21.28
CA TYR A 120 -17.38 8.67 -22.51
C TYR A 120 -18.04 10.05 -22.57
N VAL A 121 -17.35 10.99 -23.21
CA VAL A 121 -17.69 12.41 -23.12
C VAL A 121 -18.23 12.99 -24.44
N LEU A 122 -18.43 12.15 -25.44
CA LEU A 122 -19.07 12.58 -26.69
C LEU A 122 -20.50 13.07 -26.42
N GLY A 123 -20.79 14.31 -26.80
CA GLY A 123 -22.08 14.93 -26.52
C GLY A 123 -22.24 15.32 -25.07
N GLN A 124 -21.17 15.18 -24.29
CA GLN A 124 -21.21 15.31 -22.85
C GLN A 124 -20.34 16.52 -22.52
N GLU A 125 -20.02 16.73 -21.25
CA GLU A 125 -18.97 17.68 -20.90
C GLU A 125 -18.03 17.10 -19.84
N PHE A 126 -16.80 17.57 -19.85
CA PHE A 126 -15.81 17.21 -18.84
C PHE A 126 -15.34 18.49 -18.20
N SER A 127 -15.36 18.53 -16.87
CA SER A 127 -14.94 19.70 -16.10
C SER A 127 -13.96 19.32 -15.01
N PHE A 128 -13.08 20.25 -14.68
CA PHE A 128 -12.18 20.10 -13.55
C PHE A 128 -11.73 21.46 -13.10
N ASP A 129 -11.15 21.52 -11.91
CA ASP A 129 -10.55 22.75 -11.39
C ASP A 129 -9.04 22.56 -11.33
N VAL A 130 -8.29 23.66 -11.48
CA VAL A 130 -6.84 23.61 -11.56
C VAL A 130 -6.15 24.83 -10.95
N ASP A 131 -5.03 24.58 -10.28
CA ASP A 131 -4.17 25.66 -9.77
C ASP A 131 -2.84 25.62 -10.52
N VAL A 132 -2.67 26.56 -11.46
CA VAL A 132 -1.44 26.71 -12.20
C VAL A 132 -0.59 27.87 -11.67
N SER A 133 -1.01 28.48 -10.57
CA SER A 133 -0.34 29.67 -10.02
C SER A 133 1.11 29.39 -9.60
N ASN A 134 1.40 28.13 -9.25
CA ASN A 134 2.75 27.74 -8.86
C ASN A 134 3.49 27.04 -10.01
N LEU A 135 3.14 27.38 -11.25
CA LEU A 135 3.85 26.92 -12.43
C LEU A 135 4.38 28.13 -13.18
N ASP A 136 5.48 27.93 -13.90
CA ASP A 136 6.11 29.00 -14.66
C ASP A 136 6.46 28.50 -16.06
N CYS A 137 6.88 29.41 -16.93
CA CYS A 137 7.24 29.05 -18.28
C CYS A 137 8.33 27.98 -18.30
N GLY A 138 8.24 27.09 -19.29
CA GLY A 138 9.08 25.90 -19.33
C GLY A 138 8.40 24.68 -18.75
N LEU A 139 7.41 24.89 -17.87
CA LEU A 139 6.65 23.80 -17.25
C LEU A 139 5.32 23.63 -17.96
N ASN A 140 4.78 22.42 -17.88
CA ASN A 140 3.50 22.08 -18.51
C ASN A 140 2.75 21.06 -17.68
N GLY A 141 1.74 21.53 -16.94
CA GLY A 141 0.81 20.65 -16.26
C GLY A 141 -0.25 20.21 -17.25
N ALA A 142 -0.13 18.98 -17.73
CA ALA A 142 -1.05 18.45 -18.74
C ALA A 142 -2.12 17.56 -18.14
N LEU A 143 -3.36 17.77 -18.58
CA LEU A 143 -4.49 16.92 -18.23
C LEU A 143 -5.19 16.61 -19.54
N TYR A 144 -5.24 15.32 -19.90
CA TYR A 144 -5.77 14.92 -21.19
C TYR A 144 -6.31 13.49 -21.21
N LEU A 145 -6.91 13.13 -22.35
CA LEU A 145 -7.49 11.81 -22.54
C LEU A 145 -6.72 11.07 -23.62
N VAL A 146 -6.61 9.75 -23.47
CA VAL A 146 -5.98 8.89 -24.47
C VAL A 146 -6.78 7.60 -24.62
N SER A 147 -6.70 6.97 -25.79
CA SER A 147 -7.42 5.73 -26.05
C SER A 147 -6.62 4.52 -25.56
N MET A 148 -6.39 4.46 -24.26
CA MET A 148 -5.69 3.32 -23.66
C MET A 148 -6.71 2.20 -23.39
N ASP A 149 -6.20 0.99 -23.14
CA ASP A 149 -7.04 -0.13 -22.70
C ASP A 149 -7.29 0.00 -21.19
N SER A 150 -8.49 -0.38 -20.77
CA SER A 150 -8.86 -0.31 -19.36
C SER A 150 -7.88 -1.06 -18.47
N ASP A 151 -7.45 -2.23 -18.95
CA ASP A 151 -6.64 -3.15 -18.14
C ASP A 151 -5.14 -2.91 -18.22
N GLY A 152 -4.73 -2.04 -19.14
CA GLY A 152 -3.32 -1.73 -19.36
C GLY A 152 -2.61 -2.70 -20.30
N GLY A 153 -3.37 -3.36 -21.17
CA GLY A 153 -2.80 -4.27 -22.16
C GLY A 153 -2.66 -5.73 -21.74
N ILE A 154 -3.24 -6.10 -20.59
CA ILE A 154 -3.17 -7.49 -20.11
C ILE A 154 -3.91 -8.47 -21.04
N ALA A 155 -5.12 -8.09 -21.44
CA ALA A 155 -5.97 -8.96 -22.22
C ALA A 155 -5.39 -9.23 -23.61
N ARG A 156 -4.73 -8.22 -24.17
CA ARG A 156 -4.17 -8.31 -25.52
C ARG A 156 -2.77 -8.93 -25.51
N PHE A 157 -2.03 -8.66 -24.45
CA PHE A 157 -0.65 -9.16 -24.32
C PHE A 157 -0.47 -9.82 -22.95
N PRO A 158 -0.75 -11.14 -22.87
CA PRO A 158 -0.68 -11.88 -21.60
C PRO A 158 0.69 -11.87 -20.89
N SER A 159 1.76 -11.70 -21.66
CA SER A 159 3.08 -11.58 -21.07
C SER A 159 3.19 -10.38 -20.12
N ASN A 160 2.31 -9.39 -20.30
CA ASN A 160 2.15 -8.31 -19.32
C ASN A 160 1.41 -8.82 -18.10
N GLU A 161 2.13 -8.94 -16.99
CA GLU A 161 1.56 -9.49 -15.76
C GLU A 161 1.28 -8.41 -14.70
N ALA A 162 1.61 -7.15 -15.00
CA ALA A 162 1.37 -6.06 -14.06
C ALA A 162 0.10 -5.29 -14.40
N GLY A 163 -0.03 -4.87 -15.65
CA GLY A 163 -1.24 -4.22 -16.14
C GLY A 163 -1.45 -2.82 -15.59
N ALA A 164 -2.71 -2.38 -15.58
CA ALA A 164 -3.08 -1.04 -15.15
C ALA A 164 -2.74 -0.73 -13.69
N GLN A 165 -2.58 -1.76 -12.88
CA GLN A 165 -2.20 -1.58 -11.48
C GLN A 165 -0.86 -0.88 -11.36
N TYR A 166 0.10 -1.29 -12.18
CA TYR A 166 1.43 -0.69 -12.18
C TYR A 166 1.62 0.31 -13.30
N GLY A 167 0.50 0.81 -13.84
CA GLY A 167 0.51 1.92 -14.78
C GLY A 167 1.11 1.59 -16.14
N THR A 168 0.72 0.44 -16.70
CA THR A 168 1.21 0.03 -18.00
C THR A 168 0.24 0.43 -19.12
N GLY A 169 0.66 0.17 -20.35
CA GLY A 169 -0.20 0.31 -21.52
C GLY A 169 -0.39 1.72 -22.02
N TYR A 170 0.61 2.59 -21.83
CA TYR A 170 0.49 3.98 -22.26
C TYR A 170 0.68 4.14 -23.76
N CYS A 171 0.02 5.16 -24.31
CA CYS A 171 0.13 5.50 -25.71
C CYS A 171 -0.41 6.91 -25.91
N ASP A 172 -0.09 7.51 -27.05
CA ASP A 172 -0.67 8.80 -27.43
C ASP A 172 -0.43 9.10 -28.92
N ALA A 173 -0.83 10.30 -29.36
CA ALA A 173 -0.72 10.69 -30.76
C ALA A 173 0.72 10.89 -31.25
N GLN A 174 1.67 11.02 -30.31
CA GLN A 174 3.09 11.07 -30.65
C GLN A 174 3.67 9.69 -30.91
N CYS A 175 2.87 8.63 -30.68
CA CYS A 175 3.27 7.27 -30.96
C CYS A 175 4.63 6.97 -30.31
N PRO A 176 4.72 7.16 -28.98
CA PRO A 176 6.00 7.26 -28.27
C PRO A 176 6.76 5.95 -28.16
N ARG A 177 8.07 6.01 -28.41
CA ARG A 177 8.94 4.82 -28.31
C ARG A 177 9.86 4.88 -27.10
N ASP A 178 9.66 5.89 -26.25
CA ASP A 178 10.48 6.04 -25.05
C ASP A 178 10.00 5.12 -23.94
N LEU A 179 8.81 4.54 -24.13
CA LEU A 179 8.26 3.59 -23.16
C LEU A 179 9.10 2.33 -23.09
N LYS A 180 9.48 1.96 -21.87
CA LYS A 180 10.33 0.79 -21.65
C LYS A 180 9.60 -0.52 -21.95
N PHE A 181 8.31 -0.58 -21.60
CA PHE A 181 7.49 -1.74 -21.86
C PHE A 181 6.34 -1.42 -22.81
N ILE A 182 6.32 -2.09 -23.96
CA ILE A 182 5.23 -1.95 -24.92
C ILE A 182 4.70 -3.33 -25.33
N SER A 183 3.40 -3.54 -25.08
CA SER A 183 2.65 -4.68 -25.58
C SER A 183 3.15 -6.04 -25.07
N GLY A 184 3.45 -6.11 -23.78
CA GLY A 184 3.85 -7.36 -23.15
C GLY A 184 5.33 -7.71 -23.28
N SER A 185 6.13 -6.79 -23.83
CA SER A 185 7.54 -7.02 -24.05
C SER A 185 8.31 -5.74 -23.72
N ALA A 186 9.61 -5.89 -23.51
CA ALA A 186 10.48 -4.74 -23.32
C ALA A 186 10.76 -4.09 -24.65
N ASN A 187 11.27 -2.86 -24.63
CA ASN A 187 11.57 -2.12 -25.84
C ASN A 187 13.05 -1.75 -25.87
N VAL A 188 13.90 -2.62 -25.32
CA VAL A 188 15.34 -2.42 -25.28
C VAL A 188 16.01 -2.54 -26.67
N GLU A 189 15.45 -3.39 -27.53
CA GLU A 189 16.02 -3.61 -28.87
C GLU A 189 16.13 -2.31 -29.67
N GLY A 190 17.34 -2.02 -30.15
CA GLY A 190 17.60 -0.82 -30.95
C GLY A 190 17.50 0.47 -30.18
N TRP A 191 17.78 0.43 -28.87
CA TRP A 191 17.67 1.60 -28.00
C TRP A 191 18.74 2.65 -28.33
N ILE A 192 18.31 3.90 -28.37
CA ILE A 192 19.18 5.05 -28.64
C ILE A 192 18.85 6.10 -27.58
N PRO A 193 19.82 6.42 -26.70
CA PRO A 193 19.59 7.48 -25.71
C PRO A 193 19.17 8.79 -26.34
N SER A 194 18.53 9.65 -25.55
CA SER A 194 18.14 10.99 -26.02
C SER A 194 19.37 11.88 -26.14
N SER A 195 19.30 12.84 -27.07
CA SER A 195 20.39 13.79 -27.31
C SER A 195 20.59 14.80 -26.17
N ASN A 196 19.48 15.24 -25.55
CA ASN A 196 19.53 16.26 -24.50
C ASN A 196 18.97 15.82 -23.13
N ASN A 197 18.02 14.89 -23.14
CA ASN A 197 17.38 14.40 -21.91
C ASN A 197 18.14 13.21 -21.32
N PRO A 198 18.68 13.36 -20.09
CA PRO A 198 19.46 12.26 -19.51
C PRO A 198 18.65 11.09 -18.93
N ASN A 199 17.32 11.16 -18.99
CA ASN A 199 16.44 10.09 -18.48
C ASN A 199 15.80 9.20 -19.55
N THR A 200 15.74 9.67 -20.80
CA THR A 200 15.00 8.97 -21.85
C THR A 200 15.85 8.53 -23.04
N GLY A 201 15.33 7.54 -23.75
CA GLY A 201 15.88 7.07 -25.03
C GLY A 201 14.75 6.44 -25.83
N TYR A 202 15.04 5.90 -27.01
CA TYR A 202 13.99 5.37 -27.89
C TYR A 202 14.35 4.01 -28.48
N GLY A 203 13.48 3.02 -28.25
CA GLY A 203 13.65 1.68 -28.82
C GLY A 203 13.03 1.55 -30.20
N ASN A 204 13.04 0.34 -30.75
CA ASN A 204 12.48 0.07 -32.08
C ASN A 204 10.96 0.04 -32.16
N HIS A 205 10.27 0.19 -31.02
CA HIS A 205 8.80 0.10 -31.01
C HIS A 205 8.15 1.26 -30.29
N GLY A 206 7.03 1.72 -30.84
CA GLY A 206 6.26 2.83 -30.28
C GLY A 206 4.81 2.46 -29.99
N SER A 207 4.09 3.36 -29.34
CA SER A 207 2.75 3.07 -28.84
C SER A 207 1.73 4.13 -29.31
N CYS A 208 1.17 3.92 -30.49
CA CYS A 208 0.23 4.86 -31.10
C CYS A 208 -1.14 4.84 -30.39
N CYS A 209 -1.80 6.00 -30.40
CA CYS A 209 -3.08 6.21 -29.71
C CYS A 209 -3.73 7.51 -30.15
N ALA A 210 -5.05 7.56 -30.12
CA ALA A 210 -5.75 8.85 -30.24
C ALA A 210 -5.48 9.68 -28.98
N GLU A 211 -5.58 11.00 -29.08
CA GLU A 211 -5.28 11.86 -27.95
C GLU A 211 -6.09 13.15 -28.00
N MET A 212 -6.77 13.43 -26.89
CA MET A 212 -7.56 14.64 -26.75
C MET A 212 -6.97 15.50 -25.63
N ASP A 213 -6.10 16.42 -26.00
CA ASP A 213 -5.49 17.30 -25.02
C ASP A 213 -6.50 18.35 -24.58
N LEU A 214 -7.15 18.07 -23.46
CA LEU A 214 -8.07 19.01 -22.81
C LEU A 214 -7.32 20.22 -22.29
N TRP A 215 -6.16 19.98 -21.69
CA TRP A 215 -5.46 21.02 -20.96
C TRP A 215 -3.95 20.82 -20.95
N GLU A 216 -3.25 21.80 -21.51
CA GLU A 216 -1.82 21.92 -21.33
C GLU A 216 -1.52 23.37 -21.04
N ALA A 217 -0.99 23.67 -19.87
CA ALA A 217 -0.82 25.06 -19.47
C ALA A 217 0.26 25.30 -18.42
N ASN A 218 0.54 26.58 -18.24
CA ASN A 218 1.28 27.12 -17.11
C ASN A 218 0.60 28.43 -16.78
N ASN A 219 1.14 29.23 -15.87
CA ASN A 219 0.45 30.47 -15.51
C ASN A 219 0.49 31.55 -16.59
N MET A 220 1.26 31.34 -17.66
CA MET A 220 1.33 32.29 -18.76
C MET A 220 0.56 31.84 -20.03
N ALA A 221 0.29 30.54 -20.17
CA ALA A 221 -0.32 30.04 -21.41
C ALA A 221 -1.06 28.72 -21.23
N THR A 222 -2.02 28.45 -22.12
CA THR A 222 -2.78 27.19 -22.14
C THR A 222 -3.10 26.75 -23.58
N ALA A 223 -3.41 25.46 -23.77
CA ALA A 223 -3.73 24.93 -25.10
C ALA A 223 -4.70 23.74 -25.07
N LEU A 224 -5.72 23.80 -25.92
CA LEU A 224 -6.71 22.71 -26.07
C LEU A 224 -6.53 22.10 -27.47
N THR A 225 -6.17 20.82 -27.55
CA THR A 225 -5.71 20.24 -28.80
C THR A 225 -6.16 18.79 -29.01
N PRO A 226 -7.05 18.56 -29.99
CA PRO A 226 -7.35 17.18 -30.41
C PRO A 226 -6.31 16.62 -31.36
N HIS A 227 -5.93 15.36 -31.16
CA HIS A 227 -5.00 14.65 -32.05
C HIS A 227 -5.65 13.34 -32.50
N PRO A 228 -6.19 13.29 -33.73
CA PRO A 228 -6.79 12.06 -34.22
C PRO A 228 -5.75 11.07 -34.74
N CYS A 229 -6.16 9.82 -34.89
CA CYS A 229 -5.34 8.81 -35.55
C CYS A 229 -6.20 8.03 -36.56
N ASP A 230 -5.55 7.43 -37.56
CA ASP A 230 -6.24 6.64 -38.60
C ASP A 230 -7.14 5.58 -37.95
N THR A 231 -6.54 4.82 -37.04
CA THR A 231 -7.28 3.88 -36.21
C THR A 231 -7.14 4.32 -34.76
N SER A 232 -8.19 4.12 -33.98
CA SER A 232 -8.34 4.82 -32.71
C SER A 232 -7.59 4.20 -31.52
N SER A 233 -7.74 2.90 -31.34
CA SER A 233 -7.19 2.20 -30.16
C SER A 233 -5.68 1.97 -30.30
N GLN A 234 -5.07 1.42 -29.24
CA GLN A 234 -3.61 1.31 -29.16
C GLN A 234 -3.03 0.41 -30.26
N THR A 235 -2.23 1.02 -31.12
CA THR A 235 -1.51 0.33 -32.19
C THR A 235 -0.02 0.45 -31.92
N VAL A 236 0.72 -0.64 -32.16
CA VAL A 236 2.18 -0.62 -32.08
C VAL A 236 2.80 -0.13 -33.38
N CYS A 237 3.99 0.47 -33.26
CA CYS A 237 4.74 1.01 -34.37
C CYS A 237 6.13 0.38 -34.45
N GLU A 238 6.64 0.24 -35.68
CA GLU A 238 8.03 -0.17 -35.89
C GLU A 238 8.88 1.03 -36.29
N SER A 239 9.74 1.46 -35.38
CA SER A 239 10.85 2.40 -35.67
C SER A 239 10.49 3.67 -36.45
N ASP A 240 10.44 3.55 -37.79
CA ASP A 240 10.22 4.71 -38.68
C ASP A 240 8.80 4.75 -39.27
N SER A 241 7.99 3.75 -38.96
CA SER A 241 6.55 3.81 -39.19
C SER A 241 5.92 4.82 -38.23
N CYS A 242 6.56 5.03 -37.07
CA CYS A 242 6.05 5.86 -35.98
C CYS A 242 5.61 7.25 -36.36
N GLY A 243 6.57 8.05 -36.82
CA GLY A 243 6.40 9.49 -36.86
C GLY A 243 6.48 10.05 -35.45
N GLY A 244 5.86 11.19 -35.21
CA GLY A 244 5.90 11.85 -33.91
C GLY A 244 7.08 12.79 -33.73
N ALA A 245 6.98 13.65 -32.73
CA ALA A 245 7.97 14.71 -32.48
C ALA A 245 9.38 14.16 -32.21
N THR A 246 9.45 13.01 -31.54
CA THR A 246 10.73 12.36 -31.22
C THR A 246 11.52 11.91 -32.46
N SER A 247 10.82 11.48 -33.50
CA SER A 247 11.45 10.89 -34.68
C SER A 247 11.98 11.95 -35.64
N SER A 248 12.68 11.50 -36.69
CA SER A 248 13.31 12.40 -37.66
C SER A 248 12.35 12.83 -38.78
N ASN A 249 11.27 12.07 -38.99
CA ASN A 249 10.15 12.49 -39.83
C ASN A 249 8.83 12.33 -39.07
N ARG A 250 8.33 13.45 -38.53
CA ARG A 250 7.21 13.43 -37.58
C ARG A 250 5.84 13.12 -38.21
N TYR A 251 5.75 13.24 -39.54
CA TYR A 251 4.49 13.07 -40.25
C TYR A 251 4.38 11.77 -41.05
N GLY A 252 5.37 10.90 -40.95
CA GLY A 252 5.35 9.61 -41.66
C GLY A 252 4.77 8.51 -40.80
N GLY A 253 3.57 8.72 -40.27
CA GLY A 253 2.98 7.80 -39.30
C GLY A 253 1.47 7.91 -39.20
N LEU A 254 0.89 7.08 -38.34
CA LEU A 254 -0.55 6.85 -38.31
C LEU A 254 -1.33 7.86 -37.46
N CYS A 255 -0.62 8.69 -36.69
CA CYS A 255 -1.25 9.68 -35.83
C CYS A 255 -0.78 11.09 -36.16
N ASP A 256 -1.56 12.08 -35.72
CA ASP A 256 -1.28 13.49 -35.91
C ASP A 256 -0.43 14.06 -34.75
N PRO A 257 0.82 14.44 -35.02
CA PRO A 257 1.70 14.93 -33.97
C PRO A 257 1.43 16.36 -33.53
N ASP A 258 0.76 17.16 -34.37
CA ASP A 258 0.53 18.58 -34.08
C ASP A 258 -0.84 18.81 -33.43
N GLY A 259 -1.89 18.34 -34.09
CA GLY A 259 -3.27 18.48 -33.61
C GLY A 259 -3.88 19.82 -34.02
N CYS A 260 -5.19 19.97 -33.80
CA CYS A 260 -5.85 21.25 -34.03
C CYS A 260 -5.93 22.05 -32.71
N ASP A 261 -4.84 22.74 -32.39
CA ASP A 261 -4.74 23.46 -31.12
C ASP A 261 -5.60 24.73 -31.09
N TYR A 262 -6.07 25.08 -29.91
CA TYR A 262 -6.62 26.40 -29.64
C TYR A 262 -5.91 27.03 -28.44
N ASN A 263 -5.12 28.05 -28.72
CA ASN A 263 -4.39 28.81 -27.72
C ASN A 263 -4.77 30.29 -27.89
N PRO A 264 -5.51 30.86 -26.91
CA PRO A 264 -6.00 32.25 -26.99
C PRO A 264 -4.93 33.26 -27.38
N TYR A 265 -3.74 33.13 -26.81
CA TYR A 265 -2.63 34.00 -27.14
C TYR A 265 -2.26 33.81 -28.61
N ARG A 266 -2.17 32.55 -29.06
CA ARG A 266 -1.81 32.25 -30.44
C ARG A 266 -2.87 32.73 -31.43
N MET A 267 -4.13 32.79 -31.00
CA MET A 267 -5.22 33.26 -31.85
C MET A 267 -5.48 34.76 -31.72
N GLY A 268 -4.63 35.49 -31.00
CA GLY A 268 -4.67 36.95 -31.01
C GLY A 268 -4.89 37.65 -29.68
N ASN A 269 -5.90 37.21 -28.93
CA ASN A 269 -6.23 37.84 -27.64
C ASN A 269 -5.06 37.57 -26.69
N THR A 270 -4.26 38.60 -26.44
CA THR A 270 -3.11 38.52 -25.52
C THR A 270 -3.40 39.15 -24.14
N THR A 271 -4.67 39.27 -23.78
CA THR A 271 -5.03 39.72 -22.42
C THR A 271 -6.17 38.88 -21.85
N PHE A 272 -6.19 37.60 -22.21
CA PHE A 272 -7.27 36.70 -21.81
C PHE A 272 -6.83 35.67 -20.76
N PHE A 273 -5.73 34.97 -21.05
CA PHE A 273 -5.22 33.93 -20.15
C PHE A 273 -3.84 34.32 -19.59
N GLY A 274 -3.81 34.64 -18.30
CA GLY A 274 -2.58 35.06 -17.64
C GLY A 274 -2.81 35.66 -16.27
N PRO A 275 -1.73 36.11 -15.61
CA PRO A 275 -1.87 36.65 -14.27
C PRO A 275 -2.57 38.02 -14.26
N GLY A 276 -3.64 38.12 -13.48
CA GLY A 276 -4.42 39.36 -13.37
C GLY A 276 -5.26 39.67 -14.58
N GLN A 277 -5.54 38.64 -15.39
CA GLN A 277 -6.19 38.84 -16.68
C GLN A 277 -7.60 38.26 -16.66
N THR A 278 -8.30 38.33 -17.79
CA THR A 278 -9.69 37.92 -17.88
C THR A 278 -9.89 36.60 -17.14
N VAL A 279 -9.14 35.59 -17.55
CA VAL A 279 -9.03 34.34 -16.81
C VAL A 279 -7.76 34.45 -15.99
N ASP A 280 -7.92 34.60 -14.69
CA ASP A 280 -6.81 34.96 -13.80
C ASP A 280 -6.05 33.74 -13.28
N THR A 281 -4.84 33.55 -13.81
CA THR A 281 -4.00 32.41 -13.49
C THR A 281 -3.39 32.43 -12.08
N LYS A 282 -3.46 33.57 -11.38
CA LYS A 282 -3.04 33.65 -9.97
C LYS A 282 -3.95 32.84 -9.04
N SER A 283 -5.17 32.55 -9.47
CA SER A 283 -6.14 31.85 -8.63
C SER A 283 -6.72 30.62 -9.32
N VAL A 284 -7.32 29.74 -8.50
CA VAL A 284 -7.96 28.51 -8.96
C VAL A 284 -9.05 28.79 -9.99
N MET A 285 -9.20 27.90 -10.97
CA MET A 285 -10.19 28.09 -12.02
C MET A 285 -10.83 26.76 -12.42
N THR A 286 -12.09 26.84 -12.83
CA THR A 286 -12.79 25.69 -13.37
C THR A 286 -12.66 25.68 -14.88
N VAL A 287 -12.37 24.52 -15.46
CA VAL A 287 -12.14 24.40 -16.90
C VAL A 287 -13.14 23.44 -17.50
N VAL A 288 -14.11 23.98 -18.23
CA VAL A 288 -15.17 23.20 -18.85
C VAL A 288 -14.83 22.94 -20.31
N THR A 289 -15.09 21.73 -20.79
CA THR A 289 -14.81 21.36 -22.15
C THR A 289 -15.95 20.53 -22.73
N GLN A 290 -16.93 21.22 -23.30
CA GLN A 290 -18.07 20.58 -23.95
C GLN A 290 -17.67 19.97 -25.28
N PHE A 291 -18.42 18.96 -25.72
CA PHE A 291 -18.15 18.22 -26.96
C PHE A 291 -19.41 18.08 -27.82
N ILE A 292 -19.75 19.14 -28.53
CA ILE A 292 -21.03 19.21 -29.25
C ILE A 292 -21.08 18.24 -30.43
N THR A 293 -22.22 17.56 -30.60
CA THR A 293 -22.42 16.65 -31.71
C THR A 293 -23.44 17.22 -32.68
N ASN A 294 -23.60 16.57 -33.83
CA ASN A 294 -24.56 16.97 -34.87
C ASN A 294 -25.97 17.17 -34.36
N ASP A 295 -26.47 16.13 -33.68
CA ASP A 295 -27.85 16.08 -33.21
C ASP A 295 -27.97 16.42 -31.73
N GLY A 296 -26.86 16.87 -31.13
CA GLY A 296 -26.80 17.18 -29.71
C GLY A 296 -26.94 15.96 -28.81
N THR A 297 -26.71 14.78 -29.38
CA THR A 297 -26.83 13.52 -28.65
C THR A 297 -25.47 12.86 -28.55
N THR A 298 -25.40 11.81 -27.74
CA THR A 298 -24.12 11.12 -27.47
C THR A 298 -23.66 10.24 -28.61
N THR A 299 -24.51 10.09 -29.63
CA THR A 299 -24.27 9.17 -30.74
C THR A 299 -23.84 9.85 -32.04
N GLY A 300 -24.05 11.17 -32.14
CA GLY A 300 -23.78 11.90 -33.38
C GLY A 300 -22.30 12.09 -33.67
N THR A 301 -22.01 12.96 -34.63
CA THR A 301 -20.63 13.23 -35.01
C THR A 301 -20.13 14.48 -34.29
N LEU A 302 -18.87 14.44 -33.85
CA LEU A 302 -18.28 15.56 -33.14
C LEU A 302 -18.22 16.77 -34.05
N LYS A 303 -19.09 17.75 -33.77
CA LYS A 303 -19.21 18.96 -34.57
C LYS A 303 -18.33 20.07 -34.01
N SER A 304 -18.18 20.10 -32.68
CA SER A 304 -17.50 21.22 -32.05
C SER A 304 -17.02 20.89 -30.64
N ILE A 305 -15.93 21.53 -30.25
CA ILE A 305 -15.44 21.52 -28.88
C ILE A 305 -15.51 22.96 -28.37
N LYS A 306 -16.23 23.16 -27.28
CA LYS A 306 -16.41 24.48 -26.69
C LYS A 306 -15.65 24.57 -25.36
N ARG A 307 -15.12 25.76 -25.05
CA ARG A 307 -14.40 25.99 -23.81
C ARG A 307 -15.05 27.12 -23.01
N LEU A 308 -15.40 26.79 -21.77
CA LEU A 308 -15.87 27.78 -20.80
C LEU A 308 -15.04 27.65 -19.53
N TYR A 309 -14.76 28.79 -18.90
CA TYR A 309 -14.14 28.81 -17.57
C TYR A 309 -15.13 29.32 -16.54
N VAL A 310 -14.92 28.95 -15.28
CA VAL A 310 -15.70 29.50 -14.17
C VAL A 310 -14.76 29.94 -13.07
N GLN A 311 -14.83 31.21 -12.70
CA GLN A 311 -13.99 31.76 -11.65
C GLN A 311 -14.74 32.85 -10.90
N ASN A 312 -14.70 32.78 -9.57
CA ASN A 312 -15.28 33.82 -8.72
C ASN A 312 -16.76 34.09 -9.03
N GLY A 313 -17.52 33.03 -9.31
CA GLY A 313 -18.96 33.13 -9.57
C GLY A 313 -19.36 33.59 -10.97
N GLN A 314 -18.41 33.75 -11.87
CA GLN A 314 -18.67 34.26 -13.21
C GLN A 314 -18.27 33.24 -14.27
N VAL A 315 -19.18 32.95 -15.19
CA VAL A 315 -18.87 32.12 -16.35
C VAL A 315 -18.17 33.00 -17.37
N ILE A 316 -17.00 32.55 -17.83
CA ILE A 316 -16.19 33.26 -18.83
C ILE A 316 -15.91 32.33 -20.00
N SER A 317 -16.29 32.78 -21.20
CA SER A 317 -16.18 31.95 -22.40
C SER A 317 -14.82 32.07 -23.06
N GLN A 318 -14.53 31.12 -23.96
CA GLN A 318 -13.30 31.13 -24.76
C GLN A 318 -13.23 32.42 -25.56
N SER A 319 -12.06 33.06 -25.56
CA SER A 319 -11.86 34.31 -26.30
C SER A 319 -11.76 34.02 -27.79
N GLU A 320 -12.18 34.99 -28.60
CA GLU A 320 -12.26 34.84 -30.06
C GLU A 320 -10.88 34.73 -30.71
N SER A 321 -10.88 34.32 -31.97
CA SER A 321 -9.69 34.33 -32.81
C SER A 321 -9.69 35.57 -33.69
N THR A 322 -8.79 36.52 -33.40
CA THR A 322 -8.65 37.74 -34.20
C THR A 322 -7.81 37.53 -35.46
N VAL A 323 -7.35 36.29 -35.69
CA VAL A 323 -6.57 35.96 -36.87
C VAL A 323 -7.49 35.89 -38.10
N PRO A 324 -7.16 36.61 -39.17
CA PRO A 324 -7.93 36.51 -40.42
C PRO A 324 -7.32 35.46 -41.36
N GLY A 325 -8.12 34.57 -41.97
CA GLY A 325 -9.55 34.41 -41.72
C GLY A 325 -9.78 33.13 -40.92
N VAL A 326 -9.51 33.20 -39.62
CA VAL A 326 -9.74 32.08 -38.72
C VAL A 326 -10.78 32.54 -37.69
N ALA A 327 -12.03 32.16 -37.94
CA ALA A 327 -13.17 32.69 -37.18
C ALA A 327 -13.59 31.81 -35.99
N GLY A 328 -14.21 32.45 -35.00
CA GLY A 328 -14.86 31.75 -33.90
C GLY A 328 -14.01 31.61 -32.66
N ASN A 329 -14.58 30.95 -31.65
CA ASN A 329 -13.87 30.57 -30.42
C ASN A 329 -14.01 29.07 -30.14
N GLU A 330 -14.40 28.31 -31.16
CA GLU A 330 -14.65 26.88 -31.02
C GLU A 330 -13.76 26.12 -32.00
N ILE A 331 -13.39 24.91 -31.62
CA ILE A 331 -12.67 24.02 -32.51
C ILE A 331 -13.69 23.25 -33.36
N THR A 332 -13.62 23.43 -34.68
CA THR A 332 -14.52 22.79 -35.64
C THR A 332 -13.70 22.33 -36.85
N GLU A 333 -14.35 21.70 -37.81
CA GLU A 333 -13.68 21.32 -39.06
CA GLU A 333 -13.66 21.31 -39.04
C GLU A 333 -13.23 22.57 -39.81
N ASP A 334 -14.15 23.50 -40.00
CA ASP A 334 -13.87 24.72 -40.75
C ASP A 334 -12.79 25.59 -40.10
N PHE A 335 -12.81 25.69 -38.77
CA PHE A 335 -11.80 26.44 -38.02
C PHE A 335 -10.43 25.80 -38.19
N CYS A 336 -10.39 24.48 -38.04
CA CYS A 336 -9.14 23.73 -38.10
C CYS A 336 -8.51 23.77 -39.48
N HIS A 337 -9.35 23.69 -40.52
CA HIS A 337 -8.90 23.75 -41.91
C HIS A 337 -8.26 25.11 -42.19
N ASN A 338 -8.99 26.17 -41.85
CA ASN A 338 -8.47 27.53 -42.00
C ASN A 338 -7.29 27.83 -41.07
N GLN A 339 -7.30 27.24 -39.89
CA GLN A 339 -6.18 27.40 -38.96
C GLN A 339 -4.90 26.93 -39.63
N LYS A 340 -4.88 25.65 -40.00
CA LYS A 340 -3.69 25.06 -40.62
C LYS A 340 -3.29 25.78 -41.89
N GLN A 341 -4.29 26.11 -42.72
CA GLN A 341 -4.10 26.93 -43.92
C GLN A 341 -3.42 28.28 -43.60
N VAL A 342 -4.07 29.09 -42.78
CA VAL A 342 -3.61 30.46 -42.51
C VAL A 342 -2.27 30.49 -41.76
N PHE A 343 -2.04 29.53 -40.87
CA PHE A 343 -0.77 29.41 -40.15
C PHE A 343 0.33 28.71 -40.96
N GLY A 344 -0.07 27.86 -41.91
CA GLY A 344 0.91 27.19 -42.76
C GLY A 344 1.58 26.00 -42.10
N ASP A 345 0.84 25.27 -41.28
CA ASP A 345 1.29 24.01 -40.71
C ASP A 345 0.67 22.89 -41.53
N LYS A 346 1.40 21.80 -41.71
CA LYS A 346 0.84 20.67 -42.48
C LYS A 346 -0.48 20.24 -41.87
N ASP A 347 -1.46 20.00 -42.73
CA ASP A 347 -2.79 19.61 -42.28
C ASP A 347 -2.83 18.11 -42.00
N SER A 348 -2.08 17.68 -40.98
CA SER A 348 -2.06 16.29 -40.57
CA SER A 348 -2.06 16.29 -40.57
C SER A 348 -3.38 15.93 -39.88
N PHE A 349 -4.04 16.94 -39.33
CA PHE A 349 -5.34 16.81 -38.66
C PHE A 349 -6.37 16.14 -39.57
N THR A 350 -6.53 16.70 -40.77
CA THR A 350 -7.53 16.20 -41.71
C THR A 350 -7.10 14.87 -42.31
N LYS A 351 -5.80 14.73 -42.56
CA LYS A 351 -5.24 13.51 -43.12
C LYS A 351 -5.56 12.28 -42.28
N HIS A 352 -5.65 12.46 -40.96
CA HIS A 352 -5.95 11.37 -40.04
C HIS A 352 -7.38 11.42 -39.50
N GLY A 353 -8.27 12.13 -40.18
CA GLY A 353 -9.71 12.09 -39.89
C GLY A 353 -10.33 13.33 -39.26
N GLY A 354 -9.50 14.18 -38.64
CA GLY A 354 -9.99 15.42 -38.02
C GLY A 354 -10.88 15.19 -36.81
N LEU A 355 -11.92 16.01 -36.66
CA LEU A 355 -12.84 15.91 -35.51
C LEU A 355 -13.75 14.70 -35.58
N ALA A 356 -14.12 14.29 -36.79
CA ALA A 356 -14.90 13.07 -36.94
C ALA A 356 -14.14 11.93 -36.29
N ALA A 357 -12.89 11.73 -36.71
CA ALA A 357 -12.01 10.71 -36.13
C ALA A 357 -11.88 10.86 -34.61
N MET A 358 -11.63 12.07 -34.14
CA MET A 358 -11.48 12.34 -32.70
C MET A 358 -12.76 12.02 -31.91
N GLY A 359 -13.91 12.26 -32.50
CA GLY A 359 -15.17 11.80 -31.93
C GLY A 359 -15.23 10.28 -31.79
N ASP A 360 -14.77 9.56 -32.80
CA ASP A 360 -14.78 8.10 -32.77
C ASP A 360 -13.98 7.55 -31.60
N ALA A 361 -12.83 8.15 -31.31
CA ALA A 361 -12.03 7.79 -30.13
C ALA A 361 -12.83 8.04 -28.85
N LEU A 362 -13.49 9.19 -28.80
CA LEU A 362 -14.33 9.57 -27.66
C LEU A 362 -15.56 8.67 -27.54
N LYS A 363 -16.11 8.23 -28.66
CA LYS A 363 -17.25 7.30 -28.65
C LYS A 363 -16.94 6.06 -27.83
N ASN A 364 -15.73 5.53 -27.99
CA ASN A 364 -15.24 4.44 -27.13
C ASN A 364 -14.61 5.04 -25.87
N GLY A 365 -14.17 4.17 -24.95
CA GLY A 365 -13.59 4.64 -23.70
C GLY A 365 -12.24 5.31 -23.88
N MET A 366 -11.98 6.37 -23.13
CA MET A 366 -10.66 7.00 -23.05
C MET A 366 -10.26 7.28 -21.60
N VAL A 367 -8.97 7.06 -21.31
CA VAL A 367 -8.44 7.15 -19.94
C VAL A 367 -7.90 8.56 -19.65
N LEU A 368 -8.10 9.01 -18.41
CA LEU A 368 -7.65 10.34 -17.98
C LEU A 368 -6.19 10.35 -17.51
N VAL A 369 -5.39 11.22 -18.13
CA VAL A 369 -3.99 11.43 -17.74
C VAL A 369 -3.86 12.73 -16.95
N LEU A 370 -3.10 12.69 -15.85
CA LEU A 370 -2.70 13.90 -15.13
C LEU A 370 -1.18 13.90 -15.10
N SER A 371 -0.54 14.90 -15.69
CA SER A 371 0.92 14.92 -15.76
C SER A 371 1.50 16.31 -15.57
N LEU A 372 2.80 16.32 -15.29
CA LEU A 372 3.57 17.56 -15.14
C LEU A 372 5.01 17.30 -15.57
N TRP A 373 5.52 18.11 -16.49
CA TRP A 373 6.88 17.93 -17.00
C TRP A 373 7.44 19.19 -17.64
N ASP A 374 8.75 19.17 -17.86
CA ASP A 374 9.42 20.15 -18.73
C ASP A 374 9.76 19.49 -20.07
N ASP A 375 10.04 20.31 -21.07
CA ASP A 375 10.14 19.84 -22.45
C ASP A 375 11.58 19.80 -22.99
N TYR A 376 12.11 18.61 -23.21
CA TYR A 376 13.47 18.44 -23.75
C TYR A 376 13.51 18.55 -25.28
N LEU A 377 12.37 18.32 -25.92
CA LEU A 377 12.29 18.39 -27.38
C LEU A 377 12.29 19.83 -27.88
N ALA A 378 11.48 20.69 -27.28
CA ALA A 378 11.30 22.05 -27.78
C ALA A 378 11.29 23.13 -26.71
N ASP A 379 11.84 22.86 -25.52
CA ASP A 379 11.86 23.83 -24.43
C ASP A 379 10.51 24.53 -24.20
N MET A 380 9.42 23.86 -24.58
CA MET A 380 8.06 24.31 -24.29
C MET A 380 7.69 25.64 -24.99
N LEU A 381 8.42 26.00 -26.04
CA LEU A 381 8.26 27.30 -26.68
C LEU A 381 7.06 27.33 -27.64
N TRP A 382 6.51 26.16 -27.94
CA TRP A 382 5.26 25.99 -28.70
C TRP A 382 4.01 26.28 -27.87
N LEU A 383 4.14 26.29 -26.54
CA LEU A 383 3.02 26.54 -25.65
C LEU A 383 3.04 27.99 -25.16
N ASP A 384 4.15 28.38 -24.55
CA ASP A 384 4.43 29.77 -24.25
C ASP A 384 5.49 30.22 -25.26
N SER A 385 5.82 31.51 -25.30
CA SER A 385 6.91 32.00 -26.17
C SER A 385 6.64 31.88 -27.69
N ASN A 386 7.59 32.34 -28.50
CA ASN A 386 7.49 32.30 -29.97
C ASN A 386 8.12 31.05 -30.58
N TYR A 387 7.40 30.41 -31.51
CA TYR A 387 7.87 29.18 -32.15
C TYR A 387 7.49 29.17 -33.64
N PRO A 388 8.43 28.88 -34.56
CA PRO A 388 9.84 28.67 -34.23
CA PRO A 388 9.84 28.68 -34.25
C PRO A 388 10.52 29.96 -33.80
N THR A 389 11.61 29.83 -33.04
CA THR A 389 12.30 30.99 -32.46
C THR A 389 12.88 31.92 -33.50
N THR A 390 13.19 31.38 -34.69
CA THR A 390 13.77 32.14 -35.78
C THR A 390 12.78 33.07 -36.49
N SER A 391 11.53 32.63 -36.63
CA SER A 391 10.53 33.37 -37.41
C SER A 391 10.16 34.71 -36.77
N PRO A 392 9.72 35.68 -37.59
CA PRO A 392 9.23 36.95 -37.07
C PRO A 392 8.07 36.78 -36.09
N VAL A 393 8.07 37.59 -35.02
CA VAL A 393 7.01 37.58 -34.00
C VAL A 393 5.62 37.75 -34.63
N THR A 394 5.50 38.79 -35.44
CA THR A 394 4.22 39.21 -36.02
C THR A 394 3.70 38.29 -37.13
N GLU A 395 4.46 37.27 -37.50
CA GLU A 395 3.99 36.28 -38.46
C GLU A 395 2.91 35.42 -37.81
N PRO A 396 1.75 35.24 -38.48
CA PRO A 396 0.63 34.55 -37.83
C PRO A 396 0.98 33.15 -37.34
N GLY A 397 0.62 32.86 -36.10
CA GLY A 397 0.85 31.56 -35.51
C GLY A 397 2.20 31.41 -34.82
N VAL A 398 3.08 32.40 -34.98
CA VAL A 398 4.43 32.30 -34.42
C VAL A 398 4.43 32.51 -32.91
N ALA A 399 3.80 33.59 -32.45
CA ALA A 399 3.78 33.95 -31.04
C ALA A 399 2.66 33.23 -30.31
N ARG A 400 3.03 32.41 -29.32
CA ARG A 400 2.06 31.67 -28.52
C ARG A 400 1.98 32.13 -27.06
N GLY A 401 2.97 32.89 -26.60
CA GLY A 401 2.96 33.46 -25.25
C GLY A 401 3.99 34.56 -25.05
N PRO A 402 3.99 35.17 -23.86
CA PRO A 402 4.86 36.31 -23.56
C PRO A 402 6.25 35.93 -23.01
N CYS A 403 6.68 34.69 -23.19
CA CYS A 403 7.90 34.19 -22.55
C CYS A 403 9.11 34.15 -23.48
N SER A 404 10.29 34.22 -22.87
CA SER A 404 11.53 34.33 -23.62
C SER A 404 11.81 33.07 -24.45
N THR A 405 12.41 33.30 -25.61
CA THR A 405 12.95 32.24 -26.47
C THR A 405 14.04 31.46 -25.75
N SER A 406 14.82 32.16 -24.92
CA SER A 406 15.93 31.55 -24.19
C SER A 406 15.48 30.76 -22.96
N SER A 407 14.25 31.00 -22.48
CA SER A 407 13.73 30.27 -21.31
C SER A 407 13.28 28.86 -21.68
N GLY A 408 12.92 28.08 -20.66
CA GLY A 408 12.38 26.75 -20.86
C GLY A 408 13.40 25.67 -21.17
N THR A 409 14.69 26.01 -21.06
CA THR A 409 15.75 25.02 -21.22
C THR A 409 15.77 24.19 -19.95
N PRO A 410 15.54 22.87 -20.08
CA PRO A 410 15.34 21.99 -18.93
C PRO A 410 16.25 22.24 -17.75
N THR A 411 17.55 22.38 -17.98
CA THR A 411 18.51 22.57 -16.89
C THR A 411 18.19 23.81 -16.06
N ASP A 412 17.73 24.86 -16.71
CA ASP A 412 17.39 26.12 -16.04
C ASP A 412 16.11 26.02 -15.22
N VAL A 413 15.06 25.45 -15.80
CA VAL A 413 13.77 25.36 -15.13
C VAL A 413 13.84 24.40 -13.94
N GLU A 414 14.63 23.35 -14.07
CA GLU A 414 14.87 22.42 -12.98
C GLU A 414 15.67 23.09 -11.86
N SER A 415 16.59 23.97 -12.24
CA SER A 415 17.37 24.75 -11.29
C SER A 415 16.57 25.92 -10.69
N LYS A 416 15.71 26.52 -11.50
CA LYS A 416 14.94 27.69 -11.09
C LYS A 416 13.75 27.33 -10.19
N TYR A 417 12.97 26.33 -10.59
CA TYR A 417 11.66 26.06 -9.95
C TYR A 417 11.52 24.66 -9.36
N PRO A 418 12.41 24.28 -8.43
CA PRO A 418 12.33 22.96 -7.83
C PRO A 418 11.12 22.73 -6.91
N ASN A 419 10.48 23.82 -6.46
CA ASN A 419 9.27 23.72 -5.66
C ASN A 419 7.97 23.97 -6.44
N ALA A 420 8.06 23.96 -7.77
CA ALA A 420 6.89 24.17 -8.61
C ALA A 420 5.97 22.95 -8.60
N TYR A 421 4.66 23.20 -8.78
CA TYR A 421 3.66 22.14 -8.78
C TYR A 421 2.31 22.55 -9.40
N VAL A 422 1.52 21.54 -9.73
CA VAL A 422 0.18 21.74 -10.27
C VAL A 422 -0.84 21.09 -9.33
N VAL A 423 -2.09 21.52 -9.41
CA VAL A 423 -3.15 20.92 -8.60
C VAL A 423 -4.41 20.69 -9.45
N TYR A 424 -4.80 19.43 -9.62
CA TYR A 424 -6.04 19.08 -10.30
C TYR A 424 -7.09 18.68 -9.29
N SER A 425 -8.28 19.26 -9.39
CA SER A 425 -9.36 18.98 -8.44
C SER A 425 -10.74 19.10 -9.07
N ASN A 426 -11.76 18.74 -8.31
CA ASN A 426 -13.15 19.04 -8.65
C ASN A 426 -13.54 18.48 -10.03
N ILE A 427 -13.15 17.24 -10.28
CA ILE A 427 -13.44 16.59 -11.56
C ILE A 427 -14.91 16.15 -11.61
N LYS A 428 -15.64 16.68 -12.58
CA LYS A 428 -17.07 16.36 -12.77
C LYS A 428 -17.27 15.96 -14.23
N VAL A 429 -18.21 15.05 -14.46
CA VAL A 429 -18.53 14.57 -15.81
C VAL A 429 -20.04 14.46 -15.96
N GLY A 430 -20.60 15.07 -16.99
CA GLY A 430 -22.04 15.03 -17.18
C GLY A 430 -22.54 15.67 -18.46
N PRO A 431 -23.87 15.76 -18.61
CA PRO A 431 -24.44 16.41 -19.77
C PRO A 431 -24.02 17.87 -19.89
N ILE A 432 -24.13 18.42 -21.09
CA ILE A 432 -23.74 19.79 -21.34
C ILE A 432 -24.45 20.71 -20.34
N ASN A 433 -23.67 21.61 -19.74
CA ASN A 433 -24.16 22.59 -18.76
C ASN A 433 -24.61 21.99 -17.40
N SER A 434 -24.17 20.77 -17.10
CA SER A 434 -24.59 20.09 -15.88
C SER A 434 -23.55 20.12 -14.74
N THR A 435 -22.34 20.60 -15.05
CA THR A 435 -21.25 20.54 -14.08
C THR A 435 -20.82 21.90 -13.51
N PHE A 436 -21.63 22.94 -13.73
CA PHE A 436 -21.25 24.29 -13.29
C PHE A 436 -22.39 25.30 -13.32
N LYS A 437 -22.03 26.55 -13.00
CA LYS A 437 -22.80 27.78 -13.29
CA LYS A 437 -22.78 27.78 -13.29
C LYS A 437 -22.65 28.77 -12.14
N PCA B 1 -3.22 -19.86 0.02
CA PCA B 1 -4.04 -18.70 -0.27
CB PCA B 1 -4.22 -17.98 1.06
CG PCA B 1 -3.30 -18.70 2.04
CD PCA B 1 -2.80 -19.89 1.28
OE PCA B 1 -2.09 -20.76 1.78
C PCA B 1 -3.41 -17.78 -1.28
O PCA B 1 -2.20 -17.65 -1.33
N LYS B 2 -4.25 -17.13 -2.08
CA LYS B 2 -3.78 -16.19 -3.09
C LYS B 2 -4.04 -14.77 -2.59
N VAL B 3 -3.60 -13.77 -3.35
CA VAL B 3 -3.68 -12.37 -2.91
C VAL B 3 -4.84 -11.61 -3.58
N GLY B 4 -5.80 -11.18 -2.77
CA GLY B 4 -6.88 -10.31 -3.23
C GLY B 4 -6.39 -8.89 -3.43
N LYS B 5 -7.12 -8.12 -4.22
CA LYS B 5 -6.68 -6.79 -4.66
C LYS B 5 -7.71 -5.68 -4.45
N PHE B 6 -8.76 -5.94 -3.68
CA PHE B 6 -9.81 -4.93 -3.46
C PHE B 6 -9.34 -3.83 -2.53
N SER B 7 -8.49 -4.20 -1.58
CA SER B 7 -7.84 -3.25 -0.69
C SER B 7 -6.34 -3.50 -0.75
N PRO B 8 -5.54 -2.43 -0.77
CA PRO B 8 -4.09 -2.62 -0.74
C PRO B 8 -3.63 -2.93 0.68
N GLU B 9 -2.49 -3.59 0.81
CA GLU B 9 -1.91 -3.85 2.13
C GLU B 9 -0.72 -2.93 2.41
N VAL B 10 -0.94 -1.99 3.33
CA VAL B 10 0.09 -1.08 3.81
C VAL B 10 0.35 -1.38 5.28
N HIS B 11 1.53 -1.93 5.55
CA HIS B 11 1.97 -2.22 6.92
C HIS B 11 2.35 -0.94 7.65
N PRO B 12 1.68 -0.64 8.79
CA PRO B 12 2.14 0.47 9.61
C PRO B 12 3.59 0.26 10.05
N PRO B 13 4.49 1.19 9.68
CA PRO B 13 5.89 1.04 10.01
C PRO B 13 6.14 1.33 11.48
N ILE B 14 7.30 0.90 11.98
CA ILE B 14 7.70 1.19 13.35
C ILE B 14 9.21 0.99 13.50
N THR B 15 9.82 1.82 14.33
CA THR B 15 11.23 1.72 14.63
C THR B 15 11.44 0.83 15.84
N TRP B 16 12.53 0.05 15.83
CA TRP B 16 12.96 -0.68 17.01
C TRP B 16 14.49 -0.61 17.13
N GLN B 17 15.04 -1.20 18.18
CA GLN B 17 16.42 -0.91 18.59
C GLN B 17 17.32 -2.14 18.76
N GLU B 18 18.56 -2.02 18.26
CA GLU B 18 19.64 -2.98 18.54
C GLU B 18 20.73 -2.28 19.37
N CYS B 19 21.15 -2.91 20.45
CA CYS B 19 22.13 -2.28 21.36
C CYS B 19 23.40 -3.10 21.50
N ALA B 20 24.43 -2.46 22.03
CA ALA B 20 25.74 -3.10 22.26
C ALA B 20 26.03 -3.17 23.75
N ASP B 21 27.23 -3.63 24.12
CA ASP B 21 27.56 -3.89 25.52
C ASP B 21 27.65 -2.62 26.40
N ASP B 22 27.59 -1.45 25.77
CA ASP B 22 27.35 -0.20 26.48
C ASP B 22 25.93 0.29 26.18
N GLY B 23 25.57 1.49 26.64
CA GLY B 23 24.20 1.99 26.47
C GLY B 23 23.79 2.31 25.05
N SER B 24 24.78 2.34 24.14
CA SER B 24 24.55 2.72 22.74
C SER B 24 23.58 1.78 22.05
N CYS B 25 22.68 2.35 21.27
CA CYS B 25 21.71 1.59 20.47
C CYS B 25 21.47 2.24 19.12
N LYS B 26 21.22 1.40 18.11
CA LYS B 26 21.03 1.83 16.73
C LYS B 26 19.60 1.52 16.30
N THR B 27 18.91 2.52 15.75
CA THR B 27 17.52 2.35 15.29
C THR B 27 17.40 1.45 14.06
N MET B 28 16.52 0.45 14.16
CA MET B 28 16.18 -0.43 13.05
C MET B 28 14.79 -0.10 12.55
N ASN B 29 14.57 -0.23 11.25
CA ASN B 29 13.31 0.15 10.63
C ASN B 29 12.52 -1.09 10.22
N GLY B 30 11.35 -1.27 10.82
CA GLY B 30 10.48 -2.42 10.54
C GLY B 30 9.04 -2.00 10.28
N GLU B 31 8.14 -2.98 10.26
CA GLU B 31 6.74 -2.72 9.95
C GLU B 31 5.86 -3.87 10.40
N ILE B 32 4.58 -3.56 10.62
CA ILE B 32 3.66 -4.46 11.30
C ILE B 32 2.54 -4.97 10.40
N VAL B 33 2.19 -6.24 10.59
CA VAL B 33 1.21 -6.93 9.75
C VAL B 33 0.21 -7.69 10.62
N ILE B 34 -1.05 -7.66 10.22
CA ILE B 34 -2.11 -8.45 10.88
C ILE B 34 -2.03 -9.93 10.46
N ASP B 35 -2.31 -10.83 11.40
CA ASP B 35 -2.39 -12.27 11.12
C ASP B 35 -3.49 -12.56 10.09
N ALA B 36 -3.21 -13.54 9.23
CA ALA B 36 -4.08 -13.87 8.10
C ALA B 36 -5.48 -14.31 8.52
N ASN B 37 -5.61 -14.79 9.75
CA ASN B 37 -6.88 -15.27 10.25
C ASN B 37 -7.89 -14.14 10.55
N TRP B 38 -7.41 -12.90 10.68
CA TRP B 38 -8.29 -11.73 10.85
C TRP B 38 -8.77 -11.14 9.52
N ARG B 39 -8.29 -11.68 8.40
CA ARG B 39 -8.52 -11.06 7.10
C ARG B 39 -9.80 -11.53 6.41
N TRP B 40 -10.27 -10.70 5.48
CA TRP B 40 -11.33 -11.06 4.56
C TRP B 40 -10.79 -12.12 3.59
N VAL B 41 -11.45 -13.27 3.54
CA VAL B 41 -11.03 -14.38 2.67
C VAL B 41 -12.11 -14.61 1.61
N HIS B 42 -11.90 -14.05 0.43
CA HIS B 42 -12.92 -14.04 -0.63
C HIS B 42 -12.46 -14.83 -1.84
N SER B 43 -13.40 -15.01 -2.77
CA SER B 43 -13.12 -15.60 -4.07
C SER B 43 -12.44 -14.58 -4.98
N GLU B 44 -12.17 -14.96 -6.22
CA GLU B 44 -11.64 -13.99 -7.19
C GLU B 44 -12.69 -12.97 -7.66
N GLN B 45 -13.98 -13.31 -7.52
CA GLN B 45 -15.10 -12.44 -7.95
C GLN B 45 -15.43 -11.20 -7.08
N GLY B 46 -15.54 -11.31 -5.76
CA GLY B 46 -15.32 -12.55 -5.02
C GLY B 46 -16.33 -12.78 -3.92
N THR B 47 -17.00 -13.93 -3.98
CA THR B 47 -17.83 -14.43 -2.89
C THR B 47 -16.94 -14.88 -1.73
N ASN B 48 -17.49 -14.84 -0.52
CA ASN B 48 -16.76 -15.27 0.67
C ASN B 48 -16.53 -16.76 0.67
N CYS B 49 -15.29 -17.15 0.92
CA CYS B 49 -14.95 -18.53 1.20
C CYS B 49 -15.35 -18.88 2.63
N TYR B 50 -15.37 -17.87 3.49
CA TYR B 50 -15.61 -18.05 4.91
C TYR B 50 -16.33 -16.82 5.42
N THR B 51 -17.39 -17.03 6.19
CA THR B 51 -18.20 -15.93 6.75
C THR B 51 -18.76 -16.35 8.10
N GLY B 52 -18.72 -15.43 9.06
CA GLY B 52 -19.12 -15.75 10.43
C GLY B 52 -18.21 -16.83 10.98
N ASN B 53 -18.67 -18.08 10.90
CA ASN B 53 -17.81 -19.23 11.17
C ASN B 53 -18.14 -20.43 10.28
N THR B 54 -18.61 -20.13 9.08
CA THR B 54 -19.09 -21.12 8.14
C THR B 54 -18.37 -20.93 6.81
N TRP B 55 -17.79 -22.01 6.30
CA TRP B 55 -17.10 -22.01 5.02
C TRP B 55 -18.10 -22.16 3.87
N ASN B 56 -17.75 -21.62 2.71
CA ASN B 56 -18.57 -21.77 1.49
C ASN B 56 -18.28 -23.14 0.85
N PRO B 57 -19.26 -24.06 0.92
CA PRO B 57 -19.02 -25.43 0.43
C PRO B 57 -18.58 -25.50 -1.03
N THR B 58 -19.05 -24.55 -1.85
CA THR B 58 -18.77 -24.56 -3.29
C THR B 58 -17.31 -24.25 -3.58
N LEU B 59 -16.82 -23.14 -3.03
CA LEU B 59 -15.42 -22.77 -3.20
C LEU B 59 -14.47 -23.74 -2.49
N CYS B 60 -14.95 -24.33 -1.40
CA CYS B 60 -14.12 -25.14 -0.52
C CYS B 60 -14.67 -26.54 -0.26
N PRO B 61 -14.64 -27.42 -1.29
CA PRO B 61 -15.03 -28.81 -1.13
C PRO B 61 -13.97 -29.66 -0.43
N ASP B 62 -12.74 -29.14 -0.37
CA ASP B 62 -11.67 -29.75 0.42
C ASP B 62 -10.57 -28.72 0.65
N ASP B 63 -9.66 -29.04 1.55
CA ASP B 63 -8.63 -28.09 1.96
C ASP B 63 -7.79 -27.58 0.79
N LYS B 64 -7.46 -28.47 -0.14
CA LYS B 64 -6.63 -28.11 -1.29
C LYS B 64 -7.35 -27.15 -2.24
N THR B 65 -8.54 -27.55 -2.70
CA THR B 65 -9.32 -26.75 -3.65
C THR B 65 -9.74 -25.42 -3.05
N CYS B 66 -10.09 -25.43 -1.77
CA CYS B 66 -10.40 -24.21 -1.05
C CYS B 66 -9.25 -23.21 -1.18
N ALA B 67 -8.03 -23.66 -0.90
CA ALA B 67 -6.84 -22.82 -1.02
C ALA B 67 -6.58 -22.30 -2.44
N GLU B 68 -6.90 -23.12 -3.45
CA GLU B 68 -6.78 -22.70 -4.86
C GLU B 68 -7.69 -21.51 -5.21
N ASN B 69 -8.88 -21.47 -4.62
CA ASN B 69 -9.93 -20.52 -5.02
C ASN B 69 -10.06 -19.28 -4.13
N CYS B 70 -9.31 -19.24 -3.03
CA CYS B 70 -9.57 -18.24 -2.00
C CYS B 70 -8.43 -17.26 -1.80
N TYR B 71 -8.79 -16.01 -1.53
CA TYR B 71 -7.88 -14.87 -1.60
C TYR B 71 -7.91 -14.02 -0.34
N LEU B 72 -6.74 -13.85 0.27
CA LEU B 72 -6.59 -12.93 1.41
C LEU B 72 -6.47 -11.52 0.86
N ASP B 73 -6.96 -10.52 1.60
CA ASP B 73 -6.94 -9.14 1.09
C ASP B 73 -6.39 -8.13 2.10
N GLY B 74 -6.16 -6.92 1.61
CA GLY B 74 -5.57 -5.85 2.39
C GLY B 74 -6.49 -5.36 3.48
N ALA B 75 -5.89 -4.83 4.54
CA ALA B 75 -6.60 -4.51 5.77
C ALA B 75 -6.42 -3.05 6.14
N ASN B 76 -7.51 -2.41 6.56
CA ASN B 76 -7.46 -1.03 7.07
C ASN B 76 -7.17 -1.02 8.56
N TYR B 77 -5.90 -0.82 8.87
CA TYR B 77 -5.40 -0.99 10.23
C TYR B 77 -6.09 -0.07 11.22
N GLU B 78 -6.28 1.20 10.85
CA GLU B 78 -6.91 2.17 11.76
C GLU B 78 -8.43 1.99 11.83
N SER B 79 -9.08 1.96 10.68
CA SER B 79 -10.55 1.98 10.62
C SER B 79 -11.19 0.66 11.07
N VAL B 80 -10.63 -0.46 10.63
CA VAL B 80 -11.27 -1.77 10.87
C VAL B 80 -10.81 -2.40 12.18
N TYR B 81 -9.48 -2.51 12.37
CA TYR B 81 -8.90 -3.31 13.45
C TYR B 81 -8.40 -2.51 14.66
N GLY B 82 -8.51 -1.18 14.62
CA GLY B 82 -8.09 -0.33 15.73
C GLY B 82 -6.60 -0.37 16.02
N ILE B 83 -5.79 -0.42 14.96
CA ILE B 83 -4.32 -0.51 15.06
C ILE B 83 -3.67 0.74 14.47
N THR B 84 -2.77 1.36 15.24
CA THR B 84 -2.03 2.54 14.78
C THR B 84 -0.59 2.53 15.30
N THR B 85 0.26 3.30 14.62
CA THR B 85 1.67 3.44 15.01
C THR B 85 2.10 4.90 14.87
N GLU B 86 3.22 5.21 15.51
CA GLU B 86 3.90 6.50 15.35
C GLU B 86 5.28 6.41 16.02
N ASP B 87 6.33 6.59 15.22
CA ASP B 87 7.71 6.44 15.68
C ASP B 87 7.98 5.00 16.14
N ASP B 88 8.07 4.76 17.46
CA ASP B 88 8.51 3.48 18.02
C ASP B 88 7.37 2.73 18.72
N SER B 89 6.14 3.23 18.57
CA SER B 89 5.00 2.80 19.38
C SER B 89 3.96 2.06 18.54
N VAL B 90 3.36 1.01 19.10
CA VAL B 90 2.21 0.32 18.49
C VAL B 90 1.03 0.34 19.45
N ARG B 91 -0.11 0.80 18.95
CA ARG B 91 -1.33 0.86 19.75
C ARG B 91 -2.30 -0.17 19.17
N LEU B 92 -2.85 -1.01 20.05
CA LEU B 92 -3.87 -1.99 19.65
C LEU B 92 -5.13 -1.72 20.46
N ASN B 93 -6.24 -1.50 19.76
CA ASN B 93 -7.54 -1.29 20.41
C ASN B 93 -8.36 -2.58 20.43
N PHE B 94 -9.18 -2.72 21.48
CA PHE B 94 -9.96 -3.93 21.72
C PHE B 94 -11.11 -4.12 20.73
N ILE B 95 -12.10 -3.23 20.79
CA ILE B 95 -13.26 -3.31 19.91
C ILE B 95 -13.30 -2.07 19.02
N THR B 96 -13.45 -2.28 17.72
CA THR B 96 -13.50 -1.20 16.74
C THR B 96 -14.66 -1.40 15.76
N GLN B 97 -15.67 -0.54 15.85
CA GLN B 97 -16.88 -0.66 15.04
C GLN B 97 -16.74 0.01 13.67
N SER B 98 -17.39 -0.59 12.68
CA SER B 98 -17.57 -0.04 11.32
C SER B 98 -16.57 -0.67 10.35
N GLN B 99 -17.02 -1.15 9.19
CA GLN B 99 -18.43 -1.33 8.84
C GLN B 99 -18.79 -2.78 9.14
N GLY B 100 -18.81 -3.10 10.43
CA GLY B 100 -18.77 -4.48 10.92
C GLY B 100 -17.94 -4.53 12.20
N LYS B 101 -18.11 -5.60 12.97
CA LYS B 101 -17.51 -5.69 14.32
C LYS B 101 -16.20 -6.49 14.33
N ASN B 102 -15.21 -5.99 15.07
CA ASN B 102 -13.89 -6.60 15.15
C ASN B 102 -13.37 -6.62 16.59
N ILE B 103 -13.09 -7.81 17.10
CA ILE B 103 -12.66 -7.97 18.49
C ILE B 103 -11.18 -8.32 18.55
N GLY B 104 -10.34 -7.34 18.88
CA GLY B 104 -8.92 -7.59 19.08
C GLY B 104 -8.10 -7.75 17.80
N SER B 105 -6.93 -8.37 17.93
CA SER B 105 -5.98 -8.51 16.82
C SER B 105 -4.78 -9.38 17.20
N ARG B 106 -4.12 -9.96 16.18
CA ARG B 106 -2.77 -10.50 16.34
C ARG B 106 -1.88 -10.00 15.20
N THR B 107 -0.74 -9.40 15.54
CA THR B 107 0.17 -8.82 14.57
C THR B 107 1.60 -9.32 14.75
N PHE B 108 2.43 -9.17 13.71
CA PHE B 108 3.84 -9.55 13.77
C PHE B 108 4.76 -8.43 13.27
N LEU B 109 5.97 -8.37 13.81
CA LEU B 109 6.96 -7.42 13.36
C LEU B 109 7.68 -7.96 12.14
N MET B 110 7.61 -7.21 11.04
CA MET B 110 8.28 -7.56 9.80
C MET B 110 9.50 -6.67 9.57
N ALA B 111 10.60 -7.27 9.14
CA ALA B 111 11.81 -6.54 8.76
C ALA B 111 11.57 -5.73 7.49
N ASN B 112 10.82 -6.32 6.57
CA ASN B 112 10.41 -5.69 5.31
C ASN B 112 9.01 -6.19 4.93
N SER B 113 8.48 -5.74 3.80
CA SER B 113 7.15 -6.17 3.37
C SER B 113 6.99 -7.67 3.06
N THR B 114 8.10 -8.40 2.86
CA THR B 114 8.00 -9.84 2.54
C THR B 114 8.46 -10.81 3.63
N ASN B 115 9.20 -10.33 4.63
CA ASN B 115 9.78 -11.19 5.67
C ASN B 115 9.47 -10.74 7.10
N TYR B 116 9.15 -11.70 7.97
CA TYR B 116 9.07 -11.46 9.40
C TYR B 116 10.48 -11.19 9.93
N GLN B 117 10.60 -10.29 10.89
CA GLN B 117 11.86 -10.06 11.58
C GLN B 117 12.11 -11.27 12.47
N MET B 118 13.37 -11.70 12.54
CA MET B 118 13.77 -12.82 13.37
C MET B 118 14.63 -12.31 14.51
N PHE B 119 14.36 -12.78 15.74
CA PHE B 119 15.12 -12.36 16.91
C PHE B 119 15.93 -13.51 17.51
N TYR B 120 17.20 -13.23 17.80
CA TYR B 120 18.13 -14.22 18.36
C TYR B 120 18.53 -13.82 19.78
N VAL B 121 17.69 -14.22 20.73
CA VAL B 121 17.68 -13.67 22.09
C VAL B 121 18.32 -14.60 23.15
N LEU B 122 18.93 -15.71 22.71
CA LEU B 122 19.56 -16.65 23.65
C LEU B 122 20.84 -16.07 24.25
N GLY B 123 20.89 -15.96 25.58
CA GLY B 123 22.02 -15.31 26.27
C GLY B 123 21.95 -13.80 26.20
N GLN B 124 20.79 -13.31 25.76
CA GLN B 124 20.58 -11.92 25.40
C GLN B 124 19.43 -11.43 26.27
N GLU B 125 18.99 -10.19 26.07
CA GLU B 125 17.78 -9.69 26.76
C GLU B 125 16.85 -8.97 25.80
N PHE B 126 15.58 -9.34 25.82
CA PHE B 126 14.56 -8.62 25.06
C PHE B 126 13.90 -7.59 25.97
N SER B 127 13.69 -6.39 25.45
CA SER B 127 13.24 -5.28 26.27
C SER B 127 12.22 -4.42 25.52
N PHE B 128 11.25 -3.89 26.25
CA PHE B 128 10.24 -2.99 25.69
C PHE B 128 9.55 -2.19 26.78
N ASP B 129 8.81 -1.17 26.37
CA ASP B 129 7.94 -0.41 27.26
C ASP B 129 6.50 -0.73 26.92
N VAL B 130 5.62 -0.69 27.94
CA VAL B 130 4.19 -0.92 27.72
C VAL B 130 3.32 -0.08 28.66
N ASP B 131 2.19 0.39 28.11
CA ASP B 131 1.13 1.00 28.88
C ASP B 131 -0.06 0.05 28.95
N VAL B 132 -0.29 -0.51 30.14
CA VAL B 132 -1.47 -1.35 30.41
C VAL B 132 -2.44 -0.66 31.35
N SER B 133 -2.35 0.66 31.46
CA SER B 133 -3.21 1.42 32.38
C SER B 133 -4.66 1.47 31.88
N ASN B 134 -4.85 1.39 30.56
CA ASN B 134 -6.17 1.33 29.95
C ASN B 134 -6.67 -0.11 29.70
N LEU B 135 -5.98 -1.09 30.28
CA LEU B 135 -6.44 -2.47 30.26
C LEU B 135 -7.16 -2.79 31.58
N ASP B 136 -7.96 -3.85 31.56
CA ASP B 136 -8.81 -4.22 32.70
C ASP B 136 -8.94 -5.76 32.77
N CYS B 137 -9.75 -6.25 33.71
CA CYS B 137 -9.95 -7.69 33.85
C CYS B 137 -10.59 -8.29 32.61
N GLY B 138 -10.11 -9.48 32.22
CA GLY B 138 -10.68 -10.23 31.11
C GLY B 138 -10.07 -9.93 29.74
N LEU B 139 -9.14 -8.98 29.70
CA LEU B 139 -8.43 -8.61 28.47
C LEU B 139 -6.96 -9.00 28.62
N ASN B 140 -6.35 -9.43 27.51
CA ASN B 140 -4.96 -9.86 27.52
C ASN B 140 -4.16 -9.22 26.39
N GLY B 141 -3.32 -8.26 26.74
CA GLY B 141 -2.31 -7.73 25.83
C GLY B 141 -1.09 -8.64 25.82
N ALA B 142 -0.88 -9.33 24.71
CA ALA B 142 0.23 -10.30 24.61
C ALA B 142 1.33 -9.85 23.64
N LEU B 143 2.58 -10.00 24.10
CA LEU B 143 3.77 -9.81 23.29
C LEU B 143 4.65 -11.01 23.53
N TYR B 144 4.97 -11.76 22.47
CA TYR B 144 5.68 -13.03 22.63
C TYR B 144 6.39 -13.50 21.37
N LEU B 145 7.21 -14.54 21.54
CA LEU B 145 7.96 -15.14 20.44
C LEU B 145 7.37 -16.49 20.03
N VAL B 146 7.39 -16.79 18.73
CA VAL B 146 7.06 -18.13 18.24
C VAL B 146 7.94 -18.49 17.05
N SER B 147 8.18 -19.78 16.89
CA SER B 147 9.09 -20.29 15.86
C SER B 147 8.41 -20.39 14.48
N MET B 148 8.19 -19.24 13.84
CA MET B 148 7.51 -19.19 12.52
C MET B 148 8.52 -19.08 11.37
N ASP B 149 8.11 -19.57 10.20
CA ASP B 149 8.94 -19.48 8.99
C ASP B 149 9.15 -18.01 8.65
N SER B 150 10.40 -17.65 8.38
CA SER B 150 10.78 -16.28 8.07
C SER B 150 9.89 -15.65 6.98
N ASP B 151 9.53 -16.45 5.97
CA ASP B 151 8.68 -15.98 4.87
C ASP B 151 7.18 -16.31 5.05
N GLY B 152 6.84 -16.93 6.17
CA GLY B 152 5.45 -17.28 6.48
C GLY B 152 4.88 -18.45 5.69
N GLY B 153 5.76 -19.32 5.19
CA GLY B 153 5.33 -20.55 4.50
C GLY B 153 5.60 -20.64 2.99
N ILE B 154 5.97 -19.53 2.36
CA ILE B 154 6.12 -19.48 0.89
C ILE B 154 7.09 -20.51 0.33
N ALA B 155 8.31 -20.54 0.85
CA ALA B 155 9.35 -21.43 0.33
C ALA B 155 8.96 -22.89 0.48
N ARG B 156 8.39 -23.24 1.63
CA ARG B 156 8.01 -24.62 1.92
C ARG B 156 6.71 -25.06 1.23
N PHE B 157 5.81 -24.11 0.95
CA PHE B 157 4.48 -24.42 0.43
C PHE B 157 4.13 -23.51 -0.74
N PRO B 158 4.23 -24.02 -1.99
CA PRO B 158 4.05 -23.17 -3.16
C PRO B 158 2.64 -22.61 -3.28
N SER B 159 1.66 -23.39 -2.81
CA SER B 159 0.26 -22.97 -2.79
C SER B 159 0.00 -21.76 -1.89
N ASN B 160 0.93 -21.48 -0.98
CA ASN B 160 0.94 -20.24 -0.21
C ASN B 160 1.59 -19.15 -1.05
N GLU B 161 0.77 -18.43 -1.81
CA GLU B 161 1.25 -17.37 -2.70
C GLU B 161 1.24 -15.98 -2.04
N ALA B 162 0.48 -15.82 -0.95
CA ALA B 162 0.39 -14.54 -0.24
C ALA B 162 1.60 -14.30 0.65
N GLY B 163 1.98 -15.32 1.43
CA GLY B 163 3.18 -15.27 2.28
C GLY B 163 3.07 -14.41 3.52
N ALA B 164 4.22 -14.08 4.10
CA ALA B 164 4.30 -13.27 5.31
C ALA B 164 3.79 -11.84 5.15
N GLN B 165 3.61 -11.38 3.91
CA GLN B 165 3.06 -10.05 3.64
C GLN B 165 1.60 -9.91 4.06
N TYR B 166 0.85 -11.03 4.06
CA TYR B 166 -0.54 -11.02 4.54
C TYR B 166 -0.69 -11.83 5.83
N GLY B 167 0.38 -11.89 6.63
CA GLY B 167 0.35 -12.48 7.96
C GLY B 167 0.10 -13.98 8.04
N THR B 168 0.61 -14.74 7.08
CA THR B 168 0.36 -16.19 7.02
C THR B 168 1.38 -17.00 7.81
N GLY B 169 1.01 -18.24 8.13
CA GLY B 169 1.93 -19.21 8.71
C GLY B 169 2.09 -19.18 10.22
N TYR B 170 1.02 -18.84 10.93
CA TYR B 170 1.08 -18.74 12.38
C TYR B 170 1.17 -20.12 13.04
N CYS B 171 1.82 -20.15 14.20
CA CYS B 171 1.95 -21.36 14.98
C CYS B 171 2.28 -21.00 16.42
N ASP B 172 1.89 -21.87 17.35
CA ASP B 172 2.27 -21.74 18.75
C ASP B 172 2.22 -23.12 19.42
N ALA B 173 2.41 -23.17 20.73
CA ALA B 173 2.43 -24.45 21.45
C ALA B 173 1.04 -25.00 21.79
N GLN B 174 -0.03 -24.30 21.39
CA GLN B 174 -1.38 -24.85 21.47
C GLN B 174 -1.66 -25.78 20.30
N CYS B 175 -0.87 -25.67 19.22
CA CYS B 175 -1.15 -26.36 17.97
C CYS B 175 -2.52 -25.95 17.47
N PRO B 176 -2.76 -24.63 17.38
CA PRO B 176 -4.14 -24.18 17.19
C PRO B 176 -4.70 -24.71 15.89
N ARG B 177 -5.93 -25.22 15.97
CA ARG B 177 -6.63 -25.72 14.81
C ARG B 177 -7.70 -24.72 14.35
N ASP B 178 -7.75 -23.57 15.03
CA ASP B 178 -8.71 -22.51 14.72
C ASP B 178 -8.28 -21.63 13.56
N LEU B 179 -7.12 -21.92 12.97
CA LEU B 179 -6.60 -21.18 11.82
C LEU B 179 -7.24 -21.69 10.54
N LYS B 180 -7.53 -20.77 9.62
CA LYS B 180 -8.24 -21.12 8.40
C LYS B 180 -7.30 -21.70 7.34
N PHE B 181 -6.09 -21.18 7.25
CA PHE B 181 -5.06 -21.71 6.35
C PHE B 181 -3.80 -22.11 7.12
N ILE B 182 -3.33 -23.33 6.84
CA ILE B 182 -2.13 -23.88 7.47
C ILE B 182 -1.32 -24.59 6.39
N SER B 183 -0.03 -24.29 6.31
CA SER B 183 0.89 -24.96 5.39
C SER B 183 0.37 -24.96 3.95
N GLY B 184 0.05 -23.77 3.44
CA GLY B 184 -0.37 -23.59 2.06
C GLY B 184 -1.68 -24.27 1.68
N SER B 185 -2.58 -24.41 2.65
CA SER B 185 -3.81 -25.18 2.45
C SER B 185 -4.85 -24.77 3.50
N ALA B 186 -6.13 -24.93 3.14
CA ALA B 186 -7.24 -24.50 4.00
C ALA B 186 -7.53 -25.50 5.11
N ASN B 187 -8.56 -25.23 5.91
CA ASN B 187 -8.92 -26.07 7.04
C ASN B 187 -10.42 -26.40 7.11
N VAL B 188 -11.12 -26.26 5.99
CA VAL B 188 -12.57 -26.52 5.94
C VAL B 188 -12.93 -27.98 6.25
N GLU B 189 -11.99 -28.90 6.06
CA GLU B 189 -12.22 -30.31 6.38
C GLU B 189 -12.34 -30.54 7.88
N GLY B 190 -13.54 -30.92 8.31
CA GLY B 190 -13.82 -31.24 9.72
C GLY B 190 -14.01 -30.02 10.60
N TRP B 191 -14.42 -28.91 10.00
CA TRP B 191 -14.63 -27.66 10.71
C TRP B 191 -15.83 -27.75 11.66
N ILE B 192 -15.55 -27.56 12.95
CA ILE B 192 -16.58 -27.48 13.98
C ILE B 192 -16.73 -26.03 14.42
N PRO B 193 -17.79 -25.33 13.98
CA PRO B 193 -18.00 -23.97 14.46
C PRO B 193 -18.06 -23.91 15.98
N SER B 194 -17.33 -22.96 16.57
CA SER B 194 -17.37 -22.75 18.00
C SER B 194 -18.78 -22.32 18.37
N SER B 195 -19.35 -22.94 19.40
CA SER B 195 -20.72 -22.67 19.79
C SER B 195 -20.90 -21.31 20.48
N ASN B 196 -19.91 -20.92 21.29
CA ASN B 196 -20.00 -19.67 22.06
C ASN B 196 -19.31 -18.46 21.40
N ASN B 197 -18.52 -18.71 20.37
CA ASN B 197 -17.86 -17.66 19.60
C ASN B 197 -18.32 -17.71 18.13
N PRO B 198 -19.04 -16.67 17.68
CA PRO B 198 -19.64 -16.70 16.34
C PRO B 198 -18.66 -16.50 15.18
N ASN B 199 -17.49 -15.92 15.45
CA ASN B 199 -16.48 -15.68 14.40
C ASN B 199 -15.50 -16.84 14.16
N THR B 200 -15.53 -17.87 15.01
CA THR B 200 -14.45 -18.87 15.03
C THR B 200 -14.95 -20.32 14.99
N GLY B 201 -14.00 -21.23 14.85
CA GLY B 201 -14.24 -22.67 14.85
C GLY B 201 -12.90 -23.38 14.79
N TYR B 202 -12.91 -24.69 14.55
CA TYR B 202 -11.65 -25.43 14.39
C TYR B 202 -11.81 -26.62 13.46
N GLY B 203 -10.79 -26.89 12.65
CA GLY B 203 -10.80 -27.99 11.69
C GLY B 203 -9.79 -29.07 12.04
N ASN B 204 -9.58 -30.00 11.11
CA ASN B 204 -8.72 -31.16 11.35
C ASN B 204 -7.24 -30.81 11.42
N HIS B 205 -6.86 -29.69 10.82
CA HIS B 205 -5.46 -29.26 10.77
C HIS B 205 -5.15 -28.30 11.92
N GLY B 206 -3.90 -28.35 12.40
CA GLY B 206 -3.39 -27.43 13.42
C GLY B 206 -1.96 -27.02 13.12
N SER B 207 -1.44 -26.04 13.83
CA SER B 207 -0.10 -25.50 13.53
C SER B 207 0.80 -25.38 14.77
N CYS B 208 1.55 -26.45 15.05
CA CYS B 208 2.43 -26.52 16.22
C CYS B 208 3.78 -25.83 16.00
N CYS B 209 4.24 -25.07 16.99
CA CYS B 209 5.63 -24.59 17.05
C CYS B 209 5.94 -23.97 18.41
N ALA B 210 7.23 -23.98 18.78
CA ALA B 210 7.70 -23.49 20.08
C ALA B 210 7.25 -22.06 20.38
N GLU B 211 7.10 -21.73 21.67
CA GLU B 211 6.49 -20.47 22.09
C GLU B 211 7.08 -19.95 23.40
N MET B 212 7.65 -18.75 23.36
CA MET B 212 8.19 -18.09 24.55
C MET B 212 7.38 -16.84 24.88
N ASP B 213 6.40 -16.99 25.76
CA ASP B 213 5.51 -15.89 26.13
C ASP B 213 6.20 -14.94 27.09
N LEU B 214 6.72 -13.84 26.55
CA LEU B 214 7.40 -12.84 27.36
C LEU B 214 6.41 -12.08 28.22
N TRP B 215 5.20 -11.91 27.69
CA TRP B 215 4.26 -10.99 28.26
C TRP B 215 2.82 -11.35 27.89
N GLU B 216 2.01 -11.60 28.91
CA GLU B 216 0.57 -11.67 28.78
C GLU B 216 0.06 -10.97 30.01
N ALA B 217 -0.68 -9.87 29.84
CA ALA B 217 -1.04 -9.05 30.99
C ALA B 217 -2.17 -8.07 30.78
N ASN B 218 -2.60 -7.51 31.91
CA ASN B 218 -3.44 -6.32 31.97
C ASN B 218 -2.99 -5.51 33.19
N ASN B 219 -3.79 -4.53 33.63
CA ASN B 219 -3.45 -3.74 34.82
C ASN B 219 -3.45 -4.49 36.17
N MET B 220 -4.08 -5.66 36.24
CA MET B 220 -4.18 -6.45 37.48
C MET B 220 -3.23 -7.65 37.60
N ALA B 221 -2.63 -8.10 36.50
CA ALA B 221 -1.82 -9.33 36.53
C ALA B 221 -0.90 -9.52 35.31
N THR B 222 0.26 -10.16 35.53
CA THR B 222 1.20 -10.52 34.45
C THR B 222 1.61 -11.97 34.50
N ALA B 223 1.92 -12.53 33.33
CA ALA B 223 2.43 -13.89 33.23
C ALA B 223 3.62 -13.97 32.25
N LEU B 224 4.65 -14.72 32.67
CA LEU B 224 5.87 -14.93 31.88
C LEU B 224 6.08 -16.43 31.69
N THR B 225 5.86 -16.93 30.47
CA THR B 225 5.64 -18.37 30.26
C THR B 225 6.32 -18.95 29.00
N PRO B 226 7.37 -19.77 29.19
CA PRO B 226 7.86 -20.60 28.08
C PRO B 226 7.00 -21.84 27.85
N HIS B 227 6.87 -22.23 26.58
CA HIS B 227 6.16 -23.45 26.17
C HIS B 227 7.06 -24.25 25.21
N PRO B 228 7.62 -25.38 25.65
CA PRO B 228 8.50 -26.18 24.78
C PRO B 228 7.75 -27.24 23.94
N CYS B 229 8.20 -27.42 22.70
CA CYS B 229 7.67 -28.44 21.79
C CYS B 229 8.75 -29.46 21.44
N ASP B 230 8.34 -30.66 21.03
CA ASP B 230 9.29 -31.70 20.65
C ASP B 230 10.06 -31.30 19.39
N THR B 231 9.38 -30.65 18.46
CA THR B 231 9.98 -30.11 17.24
C THR B 231 9.67 -28.62 17.14
N SER B 232 10.71 -27.79 17.20
CA SER B 232 10.56 -26.33 17.30
C SER B 232 9.89 -25.70 16.10
N SER B 233 10.32 -26.09 14.89
CA SER B 233 9.84 -25.47 13.66
C SER B 233 8.35 -25.74 13.46
N GLN B 234 7.70 -24.90 12.65
CA GLN B 234 6.26 -25.02 12.42
C GLN B 234 5.94 -26.35 11.77
N THR B 235 5.11 -27.14 12.46
CA THR B 235 4.74 -28.46 11.99
C THR B 235 3.22 -28.58 11.86
N VAL B 236 2.77 -29.10 10.72
CA VAL B 236 1.36 -29.40 10.49
C VAL B 236 0.88 -30.47 11.45
N CYS B 237 -0.40 -30.42 11.78
CA CYS B 237 -0.92 -31.14 12.92
C CYS B 237 -2.30 -31.72 12.61
N GLU B 238 -2.54 -32.95 13.05
CA GLU B 238 -3.73 -33.71 12.64
C GLU B 238 -4.72 -33.96 13.79
N SER B 239 -5.94 -33.46 13.64
CA SER B 239 -7.07 -33.85 14.48
C SER B 239 -6.74 -33.78 15.99
N ASP B 240 -7.20 -34.75 16.77
CA ASP B 240 -6.94 -34.77 18.21
C ASP B 240 -5.50 -35.17 18.54
N SER B 241 -4.77 -35.70 17.56
CA SER B 241 -3.32 -35.89 17.70
C SER B 241 -2.65 -34.56 18.03
N CYS B 242 -3.26 -33.44 17.64
CA CYS B 242 -2.83 -32.10 18.04
C CYS B 242 -2.80 -31.88 19.53
N GLY B 243 -3.93 -32.09 20.17
CA GLY B 243 -4.09 -31.75 21.57
C GLY B 243 -4.01 -30.25 21.81
N GLY B 244 -4.82 -29.76 22.75
CA GLY B 244 -4.77 -28.37 23.18
C GLY B 244 -6.14 -27.85 23.59
N ALA B 245 -6.32 -26.55 23.52
CA ALA B 245 -7.61 -25.93 23.78
C ALA B 245 -8.63 -26.43 22.76
N THR B 246 -8.27 -26.29 21.49
CA THR B 246 -9.10 -26.77 20.37
C THR B 246 -8.86 -28.26 20.11
N SER B 247 -9.07 -29.09 21.12
CA SER B 247 -8.85 -30.53 21.01
C SER B 247 -9.33 -31.24 22.28
N SER B 248 -9.41 -32.57 22.22
CA SER B 248 -9.93 -33.37 23.31
C SER B 248 -8.98 -33.37 24.49
N ASN B 249 -7.84 -34.04 24.35
CA ASN B 249 -6.83 -34.14 25.39
C ASN B 249 -5.81 -33.03 25.16
N ARG B 250 -5.72 -32.06 26.06
CA ARG B 250 -4.78 -30.95 25.88
C ARG B 250 -3.33 -31.42 25.93
N TYR B 251 -3.09 -32.58 26.54
CA TYR B 251 -1.75 -33.13 26.71
C TYR B 251 -1.39 -34.26 25.72
N GLY B 252 -2.10 -34.36 24.60
CA GLY B 252 -1.88 -35.44 23.62
C GLY B 252 -1.03 -35.06 22.42
N GLY B 253 -0.43 -33.88 22.46
CA GLY B 253 0.33 -33.36 21.33
C GLY B 253 1.82 -33.36 21.56
N LEU B 254 2.54 -32.79 20.60
CA LEU B 254 4.00 -32.70 20.64
C LEU B 254 4.47 -31.35 21.21
N CYS B 255 3.53 -30.60 21.80
CA CYS B 255 3.84 -29.31 22.42
C CYS B 255 3.26 -29.23 23.84
N ASP B 256 3.74 -28.25 24.60
CA ASP B 256 3.25 -27.99 25.96
C ASP B 256 2.27 -26.81 25.94
N PRO B 257 0.97 -27.06 26.20
CA PRO B 257 0.00 -25.97 26.12
C PRO B 257 -0.14 -25.11 27.38
N ASP B 258 0.36 -25.59 28.51
CA ASP B 258 0.25 -24.86 29.78
C ASP B 258 1.49 -24.04 30.04
N GLY B 259 2.65 -24.68 29.95
CA GLY B 259 3.96 -24.01 30.07
C GLY B 259 4.37 -23.79 31.50
N CYS B 260 5.64 -23.43 31.71
CA CYS B 260 6.14 -23.08 33.04
C CYS B 260 5.98 -21.59 33.25
N ASP B 261 4.99 -21.19 34.04
CA ASP B 261 4.65 -19.78 34.18
C ASP B 261 5.27 -19.13 35.42
N TYR B 262 5.62 -17.86 35.30
CA TYR B 262 5.88 -17.02 36.47
C TYR B 262 4.94 -15.83 36.47
N ASN B 263 3.86 -15.97 37.22
CA ASN B 263 2.98 -14.87 37.58
C ASN B 263 3.26 -14.53 39.05
N PRO B 264 3.72 -13.28 39.32
CA PRO B 264 4.08 -12.95 40.71
C PRO B 264 2.92 -13.14 41.70
N TYR B 265 1.70 -12.82 41.27
CA TYR B 265 0.50 -12.99 42.10
C TYR B 265 0.28 -14.46 42.41
N ARG B 266 0.38 -15.31 41.39
CA ARG B 266 0.16 -16.74 41.54
C ARG B 266 1.24 -17.38 42.40
N MET B 267 2.46 -16.85 42.32
CA MET B 267 3.57 -17.35 43.13
C MET B 267 3.60 -16.78 44.55
N GLY B 268 2.69 -15.85 44.86
CA GLY B 268 2.39 -15.50 46.25
C GLY B 268 2.42 -14.04 46.66
N ASN B 269 2.68 -13.13 45.73
CA ASN B 269 2.85 -11.72 46.07
C ASN B 269 1.73 -10.86 45.51
N THR B 270 0.85 -10.41 46.40
CA THR B 270 -0.31 -9.61 46.04
C THR B 270 -0.08 -8.11 46.24
N THR B 271 1.16 -7.71 46.48
CA THR B 271 1.52 -6.29 46.63
C THR B 271 2.64 -5.87 45.69
N PHE B 272 2.74 -6.53 44.54
CA PHE B 272 3.85 -6.27 43.61
C PHE B 272 3.40 -5.63 42.31
N PHE B 273 2.67 -6.39 41.48
CA PHE B 273 2.22 -5.91 40.17
C PHE B 273 0.75 -5.52 40.22
N GLY B 274 0.47 -4.24 39.94
CA GLY B 274 -0.90 -3.73 39.99
C GLY B 274 -0.97 -2.23 40.21
N PRO B 275 -2.18 -1.66 40.23
CA PRO B 275 -2.34 -0.21 40.41
C PRO B 275 -1.73 0.30 41.72
N GLY B 276 -0.71 1.15 41.61
CA GLY B 276 -0.08 1.76 42.77
C GLY B 276 0.86 0.86 43.54
N GLN B 277 1.14 -0.34 43.03
CA GLN B 277 2.00 -1.30 43.74
C GLN B 277 3.45 -1.14 43.29
N THR B 278 4.35 -1.93 43.89
CA THR B 278 5.79 -1.87 43.57
C THR B 278 6.02 -1.58 42.09
N VAL B 279 5.54 -2.46 41.21
CA VAL B 279 5.43 -2.17 39.78
C VAL B 279 4.05 -1.61 39.53
N ASP B 280 3.98 -0.30 39.25
CA ASP B 280 2.71 0.42 39.14
C ASP B 280 2.16 0.36 37.72
N THR B 281 0.93 -0.13 37.57
CA THR B 281 0.34 -0.36 36.24
C THR B 281 -0.40 0.84 35.64
N LYS B 282 -0.48 1.94 36.37
CA LYS B 282 -1.07 3.18 35.86
C LYS B 282 -0.08 3.95 35.00
N SER B 283 1.21 3.75 35.28
CA SER B 283 2.28 4.43 34.56
C SER B 283 2.90 3.50 33.53
N VAL B 284 3.44 4.09 32.46
CA VAL B 284 4.24 3.37 31.47
C VAL B 284 5.38 2.63 32.18
N MET B 285 5.80 1.52 31.58
CA MET B 285 6.55 0.49 32.25
C MET B 285 7.60 -0.05 31.29
N THR B 286 8.87 -0.09 31.71
CA THR B 286 9.91 -0.73 30.91
C THR B 286 10.10 -2.16 31.40
N VAL B 287 9.88 -3.13 30.52
CA VAL B 287 9.89 -4.54 30.89
C VAL B 287 11.05 -5.29 30.23
N VAL B 288 11.96 -5.81 31.05
CA VAL B 288 13.16 -6.47 30.56
C VAL B 288 13.07 -7.98 30.80
N THR B 289 13.51 -8.76 29.82
CA THR B 289 13.47 -10.22 29.92
C THR B 289 14.81 -10.77 29.47
N GLN B 290 15.58 -11.30 30.42
CA GLN B 290 16.92 -11.79 30.16
C GLN B 290 16.95 -13.33 30.12
N PHE B 291 17.54 -13.87 29.07
CA PHE B 291 17.62 -15.32 28.86
C PHE B 291 19.04 -15.80 29.13
N ILE B 292 19.26 -16.37 30.32
CA ILE B 292 20.60 -16.74 30.80
C ILE B 292 20.98 -18.18 30.41
N THR B 293 22.06 -18.34 29.65
CA THR B 293 22.58 -19.67 29.33
C THR B 293 23.56 -20.20 30.39
N ASN B 294 23.80 -21.50 30.34
CA ASN B 294 24.68 -22.18 31.29
CA ASN B 294 24.69 -22.20 31.29
C ASN B 294 26.07 -21.55 31.40
N ASP B 295 26.65 -21.22 30.25
CA ASP B 295 28.01 -20.67 30.17
C ASP B 295 28.04 -19.16 29.97
N GLY B 296 26.87 -18.56 29.76
CA GLY B 296 26.77 -17.12 29.48
C GLY B 296 27.10 -16.75 28.05
N THR B 297 27.08 -17.75 27.16
CA THR B 297 27.35 -17.56 25.73
C THR B 297 26.00 -17.54 25.00
N THR B 298 25.97 -16.97 23.80
CA THR B 298 24.72 -16.93 23.00
C THR B 298 24.34 -18.29 22.38
N THR B 299 25.22 -19.28 22.47
CA THR B 299 24.90 -20.64 22.05
C THR B 299 25.20 -21.64 23.16
N GLY B 300 24.72 -21.34 24.36
CA GLY B 300 24.75 -22.29 25.48
C GLY B 300 23.36 -22.83 25.69
N THR B 301 23.21 -23.75 26.64
CA THR B 301 21.90 -24.25 27.03
C THR B 301 21.23 -23.24 27.95
N LEU B 302 19.92 -23.07 27.79
CA LEU B 302 19.16 -22.13 28.61
C LEU B 302 19.10 -22.60 30.06
N LYS B 303 19.12 -21.66 30.99
CA LYS B 303 19.26 -21.96 32.41
C LYS B 303 18.33 -21.15 33.31
N SER B 304 18.24 -19.85 33.06
CA SER B 304 17.36 -18.97 33.82
C SER B 304 16.74 -17.89 32.93
N ILE B 305 15.43 -17.66 33.10
CA ILE B 305 14.74 -16.54 32.45
C ILE B 305 14.47 -15.48 33.52
N LYS B 306 15.24 -14.39 33.47
CA LYS B 306 15.22 -13.37 34.52
C LYS B 306 14.45 -12.15 34.07
N ARG B 307 13.67 -11.58 34.99
CA ARG B 307 12.78 -10.46 34.69
C ARG B 307 13.10 -9.26 35.57
N LEU B 308 13.52 -8.17 34.93
CA LEU B 308 13.65 -6.87 35.58
C LEU B 308 12.63 -5.89 35.02
N TYR B 309 12.16 -4.98 35.87
CA TYR B 309 11.37 -3.83 35.44
C TYR B 309 12.13 -2.54 35.78
N VAL B 310 11.89 -1.49 34.99
CA VAL B 310 12.41 -0.16 35.28
C VAL B 310 11.29 0.84 35.13
N GLN B 311 11.14 1.71 36.13
CA GLN B 311 10.03 2.66 36.18
C GLN B 311 10.44 3.80 37.11
N ASN B 312 10.18 5.04 36.68
CA ASN B 312 10.51 6.22 37.47
C ASN B 312 11.95 6.16 38.01
N GLY B 313 12.89 5.80 37.14
CA GLY B 313 14.31 5.73 37.49
C GLY B 313 14.65 4.77 38.63
N GLN B 314 13.90 3.69 38.74
CA GLN B 314 14.17 2.65 39.72
C GLN B 314 14.28 1.32 38.96
N VAL B 315 15.26 0.49 39.34
CA VAL B 315 15.40 -0.85 38.77
C VAL B 315 14.82 -1.85 39.76
N ILE B 316 13.74 -2.52 39.36
CA ILE B 316 12.96 -3.37 40.25
C ILE B 316 13.12 -4.85 39.90
N SER B 317 13.44 -5.66 40.90
CA SER B 317 13.60 -7.10 40.69
C SER B 317 12.25 -7.80 40.73
N GLN B 318 12.16 -8.93 40.02
CA GLN B 318 11.00 -9.81 40.10
C GLN B 318 10.87 -10.27 41.55
N SER B 319 9.65 -10.18 42.07
CA SER B 319 9.35 -10.60 43.44
C SER B 319 9.53 -12.11 43.62
N GLU B 320 9.54 -12.53 44.87
CA GLU B 320 9.85 -13.90 45.24
C GLU B 320 8.62 -14.79 45.15
N SER B 321 8.86 -16.10 45.10
CA SER B 321 7.81 -17.09 45.30
C SER B 321 7.67 -17.32 46.80
N THR B 322 6.43 -17.30 47.30
CA THR B 322 6.16 -17.62 48.72
C THR B 322 5.66 -19.05 48.91
N VAL B 323 5.08 -19.63 47.85
CA VAL B 323 4.53 -20.98 47.96
C VAL B 323 5.65 -21.97 48.28
N PRO B 324 5.42 -22.85 49.25
CA PRO B 324 6.35 -23.93 49.55
C PRO B 324 6.11 -25.14 48.63
N GLY B 325 7.15 -25.76 48.05
CA GLY B 325 8.55 -25.37 48.16
C GLY B 325 9.09 -25.06 46.78
N VAL B 326 8.76 -23.86 46.30
CA VAL B 326 9.21 -23.35 45.02
C VAL B 326 10.01 -22.09 45.32
N ALA B 327 11.31 -22.12 45.01
CA ALA B 327 12.24 -21.07 45.44
C ALA B 327 12.68 -20.17 44.30
N GLY B 328 13.02 -18.93 44.66
CA GLY B 328 13.63 -17.99 43.73
C GLY B 328 12.64 -17.05 43.07
N ASN B 329 13.16 -16.23 42.15
CA ASN B 329 12.37 -15.26 41.41
C ASN B 329 12.67 -15.28 39.91
N GLU B 330 13.10 -16.44 39.41
CA GLU B 330 13.41 -16.59 38.00
C GLU B 330 13.13 -18.03 37.55
N ILE B 331 12.72 -18.17 36.30
CA ILE B 331 12.26 -19.46 35.77
C ILE B 331 13.43 -20.37 35.44
N THR B 332 13.73 -21.29 36.36
CA THR B 332 14.82 -22.25 36.20
C THR B 332 14.26 -23.67 35.99
N GLU B 333 15.17 -24.63 35.82
CA GLU B 333 14.78 -26.04 35.65
C GLU B 333 14.14 -26.58 36.92
N ASP B 334 14.67 -26.20 38.08
CA ASP B 334 14.12 -26.60 39.37
C ASP B 334 12.76 -25.95 39.61
N PHE B 335 12.67 -24.64 39.41
CA PHE B 335 11.41 -23.90 39.59
C PHE B 335 10.27 -24.52 38.80
N CYS B 336 10.55 -24.96 37.58
CA CYS B 336 9.50 -25.50 36.71
C CYS B 336 9.05 -26.89 37.15
N HIS B 337 10.01 -27.80 37.34
CA HIS B 337 9.70 -29.12 37.86
C HIS B 337 8.99 -29.02 39.21
N ASN B 338 9.54 -28.19 40.10
CA ASN B 338 8.96 -28.03 41.43
C ASN B 338 7.61 -27.30 41.43
N GLN B 339 7.47 -26.27 40.60
CA GLN B 339 6.21 -25.53 40.50
C GLN B 339 5.08 -26.45 40.06
N LYS B 340 5.33 -27.26 39.03
CA LYS B 340 4.36 -28.23 38.55
C LYS B 340 4.04 -29.32 39.58
N GLN B 341 5.04 -29.76 40.34
CA GLN B 341 4.82 -30.83 41.32
C GLN B 341 3.93 -30.36 42.48
N VAL B 342 4.27 -29.21 43.09
CA VAL B 342 3.55 -28.76 44.29
C VAL B 342 2.15 -28.33 43.92
N PHE B 343 2.00 -27.54 42.86
CA PHE B 343 0.66 -27.12 42.41
C PHE B 343 -0.20 -28.33 41.99
N GLY B 344 0.46 -29.39 41.55
CA GLY B 344 -0.22 -30.63 41.16
C GLY B 344 -0.70 -30.53 39.74
N ASP B 345 0.14 -30.00 38.87
CA ASP B 345 -0.19 -29.84 37.47
C ASP B 345 0.65 -30.75 36.60
N LYS B 346 0.08 -31.08 35.45
CA LYS B 346 0.74 -31.96 34.49
C LYS B 346 2.03 -31.30 34.02
N ASP B 347 3.14 -32.04 34.12
CA ASP B 347 4.44 -31.51 33.70
C ASP B 347 4.68 -31.83 32.23
N SER B 348 3.96 -31.11 31.38
CA SER B 348 4.16 -31.16 29.93
C SER B 348 5.42 -30.38 29.55
N PHE B 349 5.86 -29.47 30.43
CA PHE B 349 7.11 -28.74 30.24
C PHE B 349 8.31 -29.67 30.09
N THR B 350 8.56 -30.50 31.10
CA THR B 350 9.74 -31.35 31.10
C THR B 350 9.60 -32.49 30.07
N LYS B 351 8.38 -33.00 29.91
CA LYS B 351 8.13 -34.04 28.90
C LYS B 351 8.45 -33.56 27.48
N HIS B 352 8.26 -32.26 27.23
CA HIS B 352 8.52 -31.67 25.93
C HIS B 352 9.87 -30.93 25.84
N GLY B 353 10.70 -31.07 26.86
CA GLY B 353 12.11 -30.65 26.79
C GLY B 353 12.56 -29.56 27.74
N GLY B 354 11.62 -28.99 28.49
CA GLY B 354 11.94 -27.92 29.42
C GLY B 354 12.71 -26.76 28.79
N LEU B 355 13.59 -26.15 29.59
CA LEU B 355 14.34 -24.96 29.16
C LEU B 355 15.32 -25.24 28.01
N ALA B 356 15.96 -26.41 28.02
CA ALA B 356 16.91 -26.74 26.95
C ALA B 356 16.25 -26.61 25.58
N ALA B 357 15.10 -27.25 25.43
CA ALA B 357 14.32 -27.19 24.20
C ALA B 357 13.89 -25.76 23.89
N MET B 358 13.49 -25.02 24.92
CA MET B 358 13.09 -23.62 24.77
C MET B 358 14.29 -22.82 24.26
N GLY B 359 15.45 -23.06 24.87
CA GLY B 359 16.70 -22.50 24.39
C GLY B 359 16.94 -22.85 22.93
N ASP B 360 16.78 -24.13 22.60
CA ASP B 360 16.97 -24.59 21.22
C ASP B 360 16.13 -23.79 20.22
N ALA B 361 14.86 -23.57 20.55
CA ALA B 361 13.98 -22.74 19.72
C ALA B 361 14.49 -21.30 19.66
N LEU B 362 14.83 -20.73 20.80
CA LEU B 362 15.42 -19.37 20.87
C LEU B 362 16.77 -19.29 20.15
N LYS B 363 17.50 -20.40 20.13
CA LYS B 363 18.75 -20.49 19.38
C LYS B 363 18.46 -20.37 17.88
N ASN B 364 17.38 -21.00 17.43
CA ASN B 364 16.86 -20.79 16.08
C ASN B 364 16.10 -19.46 16.02
N GLY B 365 15.53 -19.13 14.85
CA GLY B 365 14.77 -17.89 14.71
C GLY B 365 13.37 -17.93 15.31
N MET B 366 12.92 -16.79 15.84
CA MET B 366 11.55 -16.63 16.34
C MET B 366 10.98 -15.23 16.04
N VAL B 367 9.71 -15.18 15.61
CA VAL B 367 9.02 -13.95 15.22
C VAL B 367 8.31 -13.32 16.41
N LEU B 368 8.39 -11.98 16.50
CA LEU B 368 7.68 -11.25 17.55
C LEU B 368 6.19 -11.12 17.23
N VAL B 369 5.35 -11.41 18.22
CA VAL B 369 3.92 -11.27 18.11
C VAL B 369 3.46 -10.16 19.04
N LEU B 370 2.56 -9.30 18.56
CA LEU B 370 1.87 -8.30 19.39
C LEU B 370 0.38 -8.55 19.22
N SER B 371 -0.32 -8.86 20.31
CA SER B 371 -1.75 -9.19 20.24
C SER B 371 -2.57 -8.59 21.37
N LEU B 372 -3.88 -8.55 21.16
CA LEU B 372 -4.85 -8.18 22.18
C LEU B 372 -6.14 -8.94 21.95
N TRP B 373 -6.59 -9.70 22.95
CA TRP B 373 -7.90 -10.36 22.87
C TRP B 373 -8.53 -10.69 24.22
N ASP B 374 -9.83 -10.91 24.20
CA ASP B 374 -10.56 -11.53 25.31
C ASP B 374 -10.59 -13.05 25.09
N ASP B 375 -10.89 -13.80 26.14
CA ASP B 375 -10.71 -15.25 26.13
C ASP B 375 -12.04 -16.01 26.10
N TYR B 376 -12.42 -16.52 24.93
CA TYR B 376 -13.66 -17.31 24.78
C TYR B 376 -13.52 -18.74 25.27
N LEU B 377 -12.33 -19.32 25.12
CA LEU B 377 -12.11 -20.71 25.50
C LEU B 377 -12.07 -20.91 27.02
N ALA B 378 -11.51 -19.94 27.73
CA ALA B 378 -11.31 -20.06 29.18
C ALA B 378 -11.48 -18.78 30.02
N ASP B 379 -12.14 -17.76 29.47
CA ASP B 379 -12.53 -16.55 30.22
C ASP B 379 -11.39 -15.81 30.94
N MET B 380 -10.14 -16.14 30.63
CA MET B 380 -8.97 -15.43 31.16
C MET B 380 -8.77 -15.62 32.67
N LEU B 381 -9.39 -16.66 33.22
CA LEU B 381 -9.33 -16.90 34.65
C LEU B 381 -7.93 -17.34 35.06
N TRP B 382 -7.28 -18.07 34.16
CA TRP B 382 -5.89 -18.54 34.33
C TRP B 382 -4.86 -17.43 34.49
N LEU B 383 -5.16 -16.24 33.97
CA LEU B 383 -4.23 -15.10 34.01
C LEU B 383 -4.42 -14.25 35.26
N ASP B 384 -5.65 -13.83 35.52
CA ASP B 384 -5.94 -12.81 36.54
C ASP B 384 -7.06 -13.16 37.54
N SER B 385 -7.32 -14.44 37.76
CA SER B 385 -8.43 -14.84 38.63
C SER B 385 -8.13 -16.16 39.32
N ASN B 386 -9.17 -16.79 39.86
CA ASN B 386 -9.05 -18.09 40.52
C ASN B 386 -9.38 -19.20 39.51
N TYR B 387 -8.47 -20.15 39.34
CA TYR B 387 -8.65 -21.19 38.34
C TYR B 387 -8.06 -22.52 38.79
N PRO B 388 -8.85 -23.59 38.76
CA PRO B 388 -10.27 -23.54 38.44
C PRO B 388 -11.09 -22.81 39.51
N THR B 389 -12.28 -22.34 39.12
CA THR B 389 -13.15 -21.58 40.02
C THR B 389 -13.72 -22.43 41.15
N THR B 390 -13.77 -23.75 40.92
CA THR B 390 -14.30 -24.69 41.91
C THR B 390 -13.34 -24.94 43.07
N SER B 391 -12.03 -24.78 42.85
CA SER B 391 -11.03 -24.93 43.91
C SER B 391 -11.09 -23.80 44.94
N PRO B 392 -10.49 -24.02 46.13
CA PRO B 392 -10.44 -22.94 47.12
C PRO B 392 -9.43 -21.86 46.74
N VAL B 393 -9.86 -20.61 46.85
CA VAL B 393 -9.06 -19.44 46.48
C VAL B 393 -7.65 -19.44 47.10
N THR B 394 -7.55 -19.98 48.31
CA THR B 394 -6.33 -19.90 49.10
C THR B 394 -5.43 -21.15 48.99
N GLU B 395 -5.39 -21.82 47.84
CA GLU B 395 -4.80 -23.16 47.77
C GLU B 395 -3.31 -23.29 48.13
N PRO B 396 -2.36 -22.75 47.36
CA PRO B 396 -2.56 -21.83 46.27
C PRO B 396 -2.06 -22.41 44.94
N GLY B 397 -1.89 -21.54 43.95
CA GLY B 397 -1.78 -21.94 42.55
C GLY B 397 -3.09 -21.59 41.89
N VAL B 398 -4.17 -21.61 42.68
CA VAL B 398 -5.51 -21.31 42.21
C VAL B 398 -5.63 -19.85 41.80
N ALA B 399 -5.27 -18.95 42.72
CA ALA B 399 -5.42 -17.51 42.51
C ALA B 399 -4.26 -16.92 41.72
N ARG B 400 -4.54 -16.42 40.52
CA ARG B 400 -3.50 -15.81 39.66
C ARG B 400 -3.61 -14.27 39.56
N GLY B 401 -4.69 -13.70 40.11
CA GLY B 401 -4.90 -12.26 40.12
C GLY B 401 -6.04 -11.90 41.07
N PRO B 402 -6.41 -10.62 41.11
CA PRO B 402 -7.46 -10.13 42.03
C PRO B 402 -8.85 -9.98 41.40
N CYS B 403 -8.98 -10.28 40.10
CA CYS B 403 -10.26 -10.12 39.40
C CYS B 403 -11.23 -11.21 39.77
N SER B 404 -12.52 -10.91 39.63
CA SER B 404 -13.58 -11.87 39.95
C SER B 404 -13.71 -12.89 38.83
N THR B 405 -14.29 -14.04 39.16
CA THR B 405 -14.46 -15.13 38.19
C THR B 405 -15.49 -14.83 37.09
N SER B 406 -16.24 -13.73 37.22
CA SER B 406 -17.20 -13.32 36.20
C SER B 406 -16.65 -12.23 35.27
N SER B 407 -15.64 -11.49 35.73
CA SER B 407 -15.08 -10.38 34.97
C SER B 407 -14.45 -10.79 33.63
N GLY B 408 -14.08 -12.06 33.52
CA GLY B 408 -13.49 -12.57 32.28
C GLY B 408 -14.46 -12.81 31.14
N THR B 409 -15.75 -12.96 31.45
CA THR B 409 -16.77 -13.32 30.45
C THR B 409 -16.80 -12.32 29.27
N PRO B 410 -16.78 -12.83 28.03
CA PRO B 410 -16.77 -11.96 26.84
C PRO B 410 -17.89 -10.92 26.77
N THR B 411 -19.13 -11.31 27.09
CA THR B 411 -20.26 -10.40 27.00
C THR B 411 -20.08 -9.20 27.94
N ASP B 412 -19.43 -9.42 29.08
CA ASP B 412 -19.25 -8.38 30.08
C ASP B 412 -18.09 -7.44 29.73
N VAL B 413 -16.94 -7.98 29.37
CA VAL B 413 -15.78 -7.16 29.02
C VAL B 413 -16.04 -6.32 27.77
N GLU B 414 -16.75 -6.91 26.81
CA GLU B 414 -17.04 -6.20 25.57
C GLU B 414 -17.98 -5.02 25.82
N SER B 415 -18.92 -5.19 26.75
CA SER B 415 -19.85 -4.11 27.11
C SER B 415 -19.23 -3.13 28.11
N LYS B 416 -18.48 -3.64 29.08
CA LYS B 416 -17.96 -2.82 30.18
C LYS B 416 -16.72 -2.01 29.79
N TYR B 417 -15.82 -2.59 29.00
CA TYR B 417 -14.57 -1.92 28.60
C TYR B 417 -14.28 -2.06 27.11
N PRO B 418 -15.21 -1.61 26.26
CA PRO B 418 -15.01 -1.69 24.81
C PRO B 418 -13.76 -0.94 24.32
N ASN B 419 -13.59 0.30 24.79
CA ASN B 419 -12.54 1.17 24.28
C ASN B 419 -11.14 0.94 24.86
N ALA B 420 -10.91 -0.17 25.53
CA ALA B 420 -9.59 -0.48 26.09
C ALA B 420 -8.54 -0.64 25.00
N TYR B 421 -7.27 -0.49 25.39
CA TYR B 421 -6.16 -0.59 24.45
C TYR B 421 -4.82 -0.81 25.14
N VAL B 422 -3.85 -1.28 24.37
CA VAL B 422 -2.51 -1.58 24.87
C VAL B 422 -1.48 -0.92 23.97
N VAL B 423 -0.48 -0.31 24.59
CA VAL B 423 0.58 0.39 23.87
C VAL B 423 1.93 -0.28 24.15
N TYR B 424 2.47 -0.94 23.13
CA TYR B 424 3.83 -1.46 23.18
C TYR B 424 4.76 -0.44 22.54
N SER B 425 5.97 -0.29 23.06
CA SER B 425 6.92 0.69 22.50
C SER B 425 8.36 0.45 22.92
N ASN B 426 9.28 1.23 22.35
CA ASN B 426 10.68 1.26 22.79
C ASN B 426 11.32 -0.14 22.90
N ILE B 427 11.15 -0.93 21.84
CA ILE B 427 11.65 -2.30 21.80
C ILE B 427 13.16 -2.31 21.57
N LYS B 428 13.88 -2.98 22.47
CA LYS B 428 15.35 -2.96 22.50
C LYS B 428 15.91 -4.37 22.71
N VAL B 429 16.89 -4.73 21.89
CA VAL B 429 17.54 -6.05 21.94
C VAL B 429 19.05 -5.89 21.99
N GLY B 430 19.71 -6.63 22.87
CA GLY B 430 21.16 -6.63 22.93
C GLY B 430 21.71 -7.41 24.10
N PRO B 431 23.05 -7.35 24.30
CA PRO B 431 23.75 -7.96 25.42
C PRO B 431 23.08 -7.69 26.76
N ILE B 432 23.34 -8.56 27.73
CA ILE B 432 22.71 -8.47 29.04
C ILE B 432 23.09 -7.13 29.70
N ASN B 433 22.08 -6.48 30.28
CA ASN B 433 22.20 -5.14 30.88
C ASN B 433 22.65 -4.05 29.88
N SER B 434 22.05 -4.03 28.69
CA SER B 434 22.34 -3.03 27.66
C SER B 434 21.14 -2.16 27.25
N THR B 435 19.93 -2.67 27.45
CA THR B 435 18.71 -1.97 27.02
C THR B 435 18.14 -1.04 28.09
N PHE B 436 18.76 -1.04 29.27
CA PHE B 436 18.36 -0.22 30.42
C PHE B 436 19.64 0.05 31.21
N LYS B 437 19.71 1.12 32.02
CA LYS B 437 18.59 1.84 32.59
C LYS B 437 18.64 3.31 32.20
C1 NAG C . -9.47 39.39 -25.86
C2 NAG C . -10.25 40.45 -26.63
C3 NAG C . -11.31 41.13 -25.78
C4 NAG C . -12.20 40.10 -25.12
C5 NAG C . -11.34 39.01 -24.46
C6 NAG C . -12.24 37.92 -23.92
C7 NAG C . -9.61 41.95 -28.44
C8 NAG C . -8.63 42.96 -28.97
N2 NAG C . -9.36 41.43 -27.24
O3 NAG C . -12.14 41.93 -26.59
O4 NAG C . -13.03 40.71 -24.16
O5 NAG C . -10.39 38.49 -25.40
O6 NAG C . -13.19 37.52 -24.88
O7 NAG C . -10.61 41.65 -29.11
C1 NAG D . -12.65 -3.03 -11.90
C2 NAG D . -13.10 -4.40 -11.38
C3 NAG D . -13.13 -5.37 -12.56
C4 NAG D . -14.14 -4.84 -13.57
C5 NAG D . -13.84 -3.38 -13.93
C6 NAG D . -14.92 -2.78 -14.83
C7 NAG D . -12.80 -5.06 -9.01
C8 NAG D . -14.22 -4.72 -8.70
N2 NAG D . -12.31 -4.91 -10.27
O3 NAG D . -13.50 -6.67 -12.15
O4 NAG D . -14.08 -5.65 -14.73
O5 NAG D . -13.67 -2.57 -12.76
O6 NAG D . -16.19 -2.90 -14.21
O7 NAG D . -12.09 -5.49 -8.10
C1 NAG E . 6.43 -8.79 47.52
C2 NAG E . 7.15 -9.17 48.81
C3 NAG E . 7.51 -7.89 49.53
C4 NAG E . 8.45 -7.09 48.63
C5 NAG E . 7.83 -6.90 47.25
C6 NAG E . 8.84 -6.30 46.28
C7 NAG E . 6.54 -11.36 49.72
C8 NAG E . 5.65 -12.13 50.66
N2 NAG E . 6.36 -10.03 49.67
O3 NAG E . 8.16 -8.18 50.74
O4 NAG E . 8.71 -5.84 49.23
O5 NAG E . 7.39 -8.14 46.71
O6 NAG E . 9.86 -7.24 46.05
O7 NAG E . 7.37 -11.98 49.04
#